data_6VJU
#
_entry.id   6VJU
#
_cell.length_a   65.350
_cell.length_b   91.790
_cell.length_c   93.770
_cell.angle_alpha   90.000
_cell.angle_beta   90.000
_cell.angle_gamma   90.000
#
_symmetry.space_group_name_H-M   'P 21 21 21'
#
loop_
_entity.id
_entity.type
_entity.pdbx_description
1 polymer 'Cystathionine beta-lyase'
2 polymer 'Cystathionine beta-lyase'
3 non-polymer 1,2-ETHANEDIOL
4 non-polymer 'ACETATE ION'
5 non-polymer '2-AMINO-4-MERCAPTO-BUTYRIC ACID'
6 non-polymer "PYRIDOXAL-5'-PHOSPHATE"
7 water water
#
loop_
_entity_poly.entity_id
_entity_poly.type
_entity_poly.pdbx_seq_one_letter_code
_entity_poly.pdbx_strand_id
1 'polypeptide(L)'
;MAHHHHHHMIYPNILATIGHTPVVKINRLGKDLECELYAKCEFFNPGGSV(LLP)DRIGYEMVVKAEKEGRIKPGDTLIE
PTSGNTGIGIALAGAVLGYKVIITMPEKMSQEKQSVLERLGAIIYRTPTEAAYNDPDSHISLAKKLQAEIPNSHILDQYA
NPNNPNAHYFGTAQEIIDDFGKDLHMVVAGVGTGGTITGIAKRLKEFNPAIKIIGADPEGSILGGGTEIKSYHVEGIGYD
FFPDVLDNTLIDAYIKTNDADSFRTARRLIKEEGLLIGGSCGAAMWAALQAAKSLSKGQKCLVILPDSIRNYMSKFANDE
WMKEMGFL
;
A
2 'polypeptide(L)'
;MAHHHHHHMIYPNILATIGHTPVVKINRLGKDLECELYAKCEFFNPGGSVKDRIGYEMVVKAEKEGRIKPGDTLIEPTSG
NTGIGIALAGAVLGYKVIITMPEKMSQEKQSVLERLGAIIYRTPTEAAYNDPDSHISLAKKLQAEIPNSHILDQYANPNN
PNAHYFGTAQEIIDDFGKDLHMVVAGVGTGGTITGIAKRLKEFNPAIKIIGADPEGSILGGGTEIKSYHVEGIGYDFFPD
VLDNTLIDAYIKTNDADSFRTARRLIKEEGLLIGGSCGAAMWAALQAAKSLSKGQKCLVILPDSIRNYMSKFANDEWMKE
MGFL
;
B
#
# COMPACT_ATOMS: atom_id res chain seq x y z
N HIS A 8 17.68 6.84 -10.99
CA HIS A 8 17.75 8.29 -10.86
C HIS A 8 16.73 8.94 -11.79
N MET A 9 15.56 8.34 -11.88
CA MET A 9 14.53 8.74 -12.84
C MET A 9 13.28 9.20 -12.11
N ILE A 10 12.64 10.21 -12.67
CA ILE A 10 11.35 10.71 -12.21
C ILE A 10 10.26 10.10 -13.08
N TYR A 11 9.18 9.65 -12.44
CA TYR A 11 8.11 8.99 -13.17
C TYR A 11 7.12 10.02 -13.69
N PRO A 12 6.69 9.93 -14.96
CA PRO A 12 5.80 10.96 -15.51
C PRO A 12 4.39 10.93 -14.94
N ASN A 13 3.93 9.77 -14.49
CA ASN A 13 2.65 9.63 -13.81
C ASN A 13 2.71 8.35 -13.01
N ILE A 14 1.67 8.11 -12.21
CA ILE A 14 1.68 6.97 -11.29
C ILE A 14 1.66 5.63 -12.04
N LEU A 15 1.13 5.59 -13.27
CA LEU A 15 1.09 4.32 -14.01
C LEU A 15 2.51 3.83 -14.31
N ALA A 16 3.47 4.74 -14.41
CA ALA A 16 4.84 4.34 -14.70
C ALA A 16 5.49 3.58 -13.54
N THR A 17 4.90 3.60 -12.35
CA THR A 17 5.40 2.82 -11.22
C THR A 17 4.84 1.40 -11.17
N ILE A 18 3.96 1.02 -12.09
CA ILE A 18 3.41 -0.34 -12.10
C ILE A 18 4.51 -1.32 -12.45
N GLY A 19 4.53 -2.45 -11.74
CA GLY A 19 5.48 -3.51 -12.03
C GLY A 19 6.81 -3.33 -11.33
N HIS A 20 7.79 -4.13 -11.76
CA HIS A 20 9.11 -4.18 -11.14
C HIS A 20 8.99 -4.35 -9.63
N THR A 21 8.18 -5.31 -9.24
CA THR A 21 7.87 -5.48 -7.83
C THR A 21 8.94 -6.29 -7.11
N PRO A 22 9.18 -5.99 -5.84
CA PRO A 22 10.23 -6.68 -5.10
C PRO A 22 9.94 -8.17 -4.89
N VAL A 23 11.01 -8.95 -4.94
CA VAL A 23 11.00 -10.33 -4.48
C VAL A 23 11.71 -10.38 -3.13
N VAL A 24 11.07 -10.99 -2.14
CA VAL A 24 11.58 -11.02 -0.77
C VAL A 24 11.72 -12.47 -0.33
N LYS A 25 12.86 -12.81 0.29
CA LYS A 25 13.03 -14.15 0.82
C LYS A 25 12.10 -14.35 2.01
N ILE A 26 11.49 -15.53 2.08
CA ILE A 26 10.65 -15.93 3.21
C ILE A 26 11.56 -16.62 4.22
N ASN A 27 11.59 -16.11 5.47
CA ASN A 27 12.61 -16.52 6.43
C ASN A 27 12.12 -17.39 7.58
N ARG A 28 10.81 -17.41 7.85
CA ARG A 28 10.27 -18.24 8.91
C ARG A 28 9.32 -19.31 8.40
N LEU A 29 8.39 -18.97 7.50
CA LEU A 29 7.36 -19.93 7.11
C LEU A 29 7.92 -21.11 6.35
N GLY A 30 9.03 -20.95 5.64
CA GLY A 30 9.56 -22.08 4.90
C GLY A 30 10.60 -22.90 5.65
N LYS A 31 10.59 -22.83 6.99
CA LYS A 31 11.61 -23.47 7.81
CA LYS A 31 11.62 -23.47 7.79
C LYS A 31 11.66 -24.99 7.60
N ASP A 32 10.55 -25.61 7.20
CA ASP A 32 10.52 -27.06 7.07
C ASP A 32 10.83 -27.56 5.66
N LEU A 33 11.13 -26.65 4.74
CA LEU A 33 11.43 -27.02 3.37
C LEU A 33 12.92 -27.25 3.16
N GLU A 34 13.25 -28.07 2.17
CA GLU A 34 14.64 -28.21 1.73
C GLU A 34 15.08 -27.01 0.90
N CYS A 35 14.18 -26.46 0.11
CA CYS A 35 14.50 -25.37 -0.79
C CYS A 35 14.43 -24.03 -0.08
N GLU A 36 14.89 -23.00 -0.78
CA GLU A 36 14.66 -21.62 -0.34
C GLU A 36 13.37 -21.12 -0.97
N LEU A 37 12.71 -20.21 -0.25
CA LEU A 37 11.36 -19.78 -0.60
C LEU A 37 11.32 -18.27 -0.66
N TYR A 38 10.66 -17.74 -1.70
CA TYR A 38 10.66 -16.32 -2.00
C TYR A 38 9.24 -15.91 -2.37
N ALA A 39 8.95 -14.61 -2.21
CA ALA A 39 7.63 -14.06 -2.51
C ALA A 39 7.77 -12.85 -3.41
N LYS A 40 6.99 -12.81 -4.49
CA LYS A 40 6.93 -11.63 -5.34
C LYS A 40 5.77 -10.76 -4.88
N CYS A 41 6.10 -9.55 -4.44
CA CYS A 41 5.19 -8.72 -3.63
C CYS A 41 4.44 -7.74 -4.53
N GLU A 42 3.31 -8.18 -5.05
CA GLU A 42 2.53 -7.34 -5.96
C GLU A 42 1.74 -6.25 -5.24
N PHE A 43 1.72 -6.26 -3.91
CA PHE A 43 1.09 -5.16 -3.20
C PHE A 43 1.86 -3.85 -3.32
N PHE A 44 3.09 -3.87 -3.83
CA PHE A 44 3.84 -2.64 -4.06
C PHE A 44 3.36 -1.87 -5.29
N ASN A 45 2.51 -2.45 -6.13
CA ASN A 45 1.92 -1.71 -7.24
C ASN A 45 1.11 -0.53 -6.72
N PRO A 46 1.00 0.56 -7.49
CA PRO A 46 0.38 1.79 -6.97
C PRO A 46 -1.09 1.66 -6.62
N GLY A 47 -1.83 0.78 -7.29
CA GLY A 47 -3.20 0.48 -6.92
C GLY A 47 -3.34 -0.57 -5.84
N GLY A 48 -2.23 -1.18 -5.43
CA GLY A 48 -2.23 -2.16 -4.36
C GLY A 48 -2.33 -3.61 -4.79
N SER A 49 -2.33 -3.91 -6.08
CA SER A 49 -2.46 -5.30 -6.49
C SER A 49 -1.81 -5.53 -7.85
N VAL A 50 -1.58 -6.81 -8.10
CA VAL A 50 -1.13 -7.33 -9.39
C VAL A 50 -1.99 -6.84 -10.56
N ASP A 52 -3.09 -4.02 -11.37
CA ASP A 52 -2.63 -2.78 -12.01
C ASP A 52 -2.00 -3.11 -13.36
N ARG A 53 -1.29 -4.25 -13.42
CA ARG A 53 -0.58 -4.61 -14.65
C ARG A 53 -1.55 -4.83 -15.79
N ILE A 54 -2.68 -5.49 -15.52
CA ILE A 54 -3.61 -5.82 -16.60
C ILE A 54 -4.58 -4.67 -16.86
N GLY A 55 -4.91 -3.88 -15.85
CA GLY A 55 -5.65 -2.66 -16.13
C GLY A 55 -4.88 -1.76 -17.08
N TYR A 56 -3.58 -1.59 -16.81
CA TYR A 56 -2.74 -0.78 -17.70
C TYR A 56 -2.67 -1.39 -19.09
N GLU A 57 -2.33 -2.67 -19.17
CA GLU A 57 -2.11 -3.29 -20.48
C GLU A 57 -3.39 -3.28 -21.31
N MET A 58 -4.52 -3.64 -20.71
CA MET A 58 -5.78 -3.70 -21.48
C MET A 58 -6.18 -2.32 -21.97
N VAL A 59 -6.04 -1.29 -21.12
CA VAL A 59 -6.44 0.05 -21.51
C VAL A 59 -5.50 0.61 -22.58
N VAL A 60 -4.19 0.50 -22.34
CA VAL A 60 -3.22 1.12 -23.23
C VAL A 60 -3.24 0.46 -24.61
N LYS A 61 -3.33 -0.88 -24.64
CA LYS A 61 -3.42 -1.56 -25.93
C LYS A 61 -4.71 -1.22 -26.66
N ALA A 62 -5.84 -1.18 -25.95
CA ALA A 62 -7.10 -0.82 -26.58
C ALA A 62 -7.07 0.59 -27.13
N GLU A 63 -6.47 1.53 -26.40
CA GLU A 63 -6.36 2.90 -26.89
C GLU A 63 -5.46 2.96 -28.13
N LYS A 64 -4.33 2.27 -28.08
CA LYS A 64 -3.40 2.30 -29.22
CA LYS A 64 -3.40 2.29 -29.22
C LYS A 64 -4.05 1.72 -30.48
N GLU A 65 -4.85 0.68 -30.33
CA GLU A 65 -5.49 0.01 -31.46
C GLU A 65 -6.75 0.72 -31.93
N GLY A 66 -7.16 1.80 -31.27
CA GLY A 66 -8.36 2.50 -31.66
C GLY A 66 -9.64 1.90 -31.14
N ARG A 67 -9.56 0.90 -30.25
CA ARG A 67 -10.79 0.32 -29.71
C ARG A 67 -11.47 1.28 -28.74
N ILE A 68 -10.69 2.06 -28.00
CA ILE A 68 -11.23 3.04 -27.06
C ILE A 68 -10.50 4.36 -27.28
N LYS A 69 -11.10 5.44 -26.79
CA LYS A 69 -10.47 6.75 -26.84
C LYS A 69 -10.83 7.48 -25.55
N PRO A 70 -9.97 8.39 -25.09
CA PRO A 70 -10.28 9.16 -23.88
C PRO A 70 -11.65 9.81 -23.97
N GLY A 71 -12.36 9.79 -22.86
CA GLY A 71 -13.74 10.21 -22.79
C GLY A 71 -14.73 9.07 -22.87
N ASP A 72 -14.31 7.92 -23.39
CA ASP A 72 -15.17 6.75 -23.43
C ASP A 72 -15.35 6.19 -22.02
N THR A 73 -16.32 5.30 -21.88
CA THR A 73 -16.59 4.62 -20.62
C THR A 73 -16.09 3.17 -20.68
N LEU A 74 -15.40 2.76 -19.63
CA LEU A 74 -14.94 1.38 -19.47
C LEU A 74 -15.77 0.73 -18.38
N ILE A 75 -16.39 -0.41 -18.70
CA ILE A 75 -17.27 -1.13 -17.78
C ILE A 75 -16.64 -2.49 -17.52
N GLU A 76 -16.43 -2.83 -16.24
CA GLU A 76 -15.79 -4.11 -15.96
C GLU A 76 -16.40 -4.82 -14.78
N PRO A 77 -16.83 -6.07 -14.95
CA PRO A 77 -17.19 -6.90 -13.80
C PRO A 77 -15.91 -7.36 -13.12
N THR A 78 -15.90 -7.30 -11.79
CA THR A 78 -14.65 -7.55 -11.09
C THR A 78 -14.96 -7.98 -9.65
N SER A 79 -14.00 -8.69 -9.06
CA SER A 79 -14.02 -8.91 -7.63
C SER A 79 -13.40 -7.73 -6.88
N GLY A 80 -12.90 -6.73 -7.60
CA GLY A 80 -12.40 -5.51 -6.99
C GLY A 80 -11.09 -5.03 -7.56
N ASN A 81 -10.08 -5.91 -7.62
CA ASN A 81 -8.74 -5.46 -7.96
C ASN A 81 -8.61 -5.04 -9.42
N THR A 82 -9.19 -5.81 -10.35
CA THR A 82 -9.16 -5.37 -11.74
C THR A 82 -9.93 -4.07 -11.90
N GLY A 83 -11.05 -3.93 -11.20
CA GLY A 83 -11.75 -2.66 -11.20
C GLY A 83 -10.86 -1.52 -10.74
N ILE A 84 -10.06 -1.76 -9.70
CA ILE A 84 -9.14 -0.74 -9.21
C ILE A 84 -8.05 -0.45 -10.24
N GLY A 85 -7.51 -1.49 -10.86
CA GLY A 85 -6.49 -1.29 -11.88
C GLY A 85 -7.00 -0.49 -13.07
N ILE A 86 -8.23 -0.79 -13.52
CA ILE A 86 -8.82 -0.02 -14.61
C ILE A 86 -9.17 1.39 -14.17
N ALA A 87 -9.69 1.53 -12.96
CA ALA A 87 -10.03 2.86 -12.44
C ALA A 87 -8.78 3.73 -12.32
N LEU A 88 -7.67 3.13 -11.92
CA LEU A 88 -6.41 3.85 -11.83
C LEU A 88 -5.97 4.35 -13.21
N ALA A 89 -5.98 3.46 -14.20
CA ALA A 89 -5.62 3.87 -15.56
C ALA A 89 -6.60 4.91 -16.09
N GLY A 90 -7.89 4.75 -15.80
CA GLY A 90 -8.88 5.71 -16.27
C GLY A 90 -8.76 7.07 -15.61
N ALA A 91 -8.43 7.10 -14.33
CA ALA A 91 -8.23 8.39 -13.66
C ALA A 91 -7.07 9.15 -14.30
N VAL A 92 -5.99 8.43 -14.60
CA VAL A 92 -4.79 9.07 -15.14
C VAL A 92 -4.98 9.46 -16.61
N LEU A 93 -5.56 8.58 -17.40
CA LEU A 93 -5.61 8.73 -18.85
C LEU A 93 -6.90 9.38 -19.34
N GLY A 94 -7.90 9.54 -18.48
CA GLY A 94 -9.11 10.24 -18.87
C GLY A 94 -10.23 9.37 -19.42
N TYR A 95 -10.54 8.26 -18.75
CA TYR A 95 -11.67 7.40 -19.09
C TYR A 95 -12.67 7.39 -17.95
N LYS A 96 -13.95 7.34 -18.28
CA LYS A 96 -14.96 7.07 -17.27
C LYS A 96 -14.98 5.58 -17.00
N VAL A 97 -15.17 5.22 -15.74
CA VAL A 97 -15.05 3.83 -15.31
C VAL A 97 -16.27 3.45 -14.49
N ILE A 98 -16.92 2.34 -14.84
CA ILE A 98 -18.03 1.77 -14.10
C ILE A 98 -17.65 0.33 -13.74
N ILE A 99 -17.90 -0.05 -12.49
CA ILE A 99 -17.62 -1.38 -11.98
CA ILE A 99 -17.62 -1.37 -11.97
C ILE A 99 -18.93 -2.03 -11.57
N THR A 100 -19.08 -3.31 -11.89
CA THR A 100 -20.12 -4.14 -11.32
C THR A 100 -19.42 -5.16 -10.43
N MET A 101 -19.90 -5.31 -9.19
CA MET A 101 -19.16 -6.07 -8.18
C MET A 101 -20.13 -6.80 -7.26
N PRO A 102 -19.94 -8.10 -7.03
CA PRO A 102 -20.83 -8.82 -6.11
C PRO A 102 -20.66 -8.31 -4.69
N GLU A 103 -21.73 -8.44 -3.91
CA GLU A 103 -21.69 -7.96 -2.54
C GLU A 103 -20.64 -8.68 -1.70
N LYS A 104 -20.19 -9.87 -2.11
CA LYS A 104 -19.18 -10.60 -1.35
C LYS A 104 -17.90 -9.80 -1.20
N MET A 105 -17.54 -9.01 -2.20
CA MET A 105 -16.26 -8.30 -2.19
C MET A 105 -16.27 -7.17 -1.16
N SER A 106 -15.09 -6.90 -0.60
CA SER A 106 -14.98 -6.04 0.58
C SER A 106 -15.41 -4.61 0.28
N GLN A 107 -15.88 -3.92 1.33
CA GLN A 107 -16.24 -2.50 1.23
C GLN A 107 -15.03 -1.62 0.97
N GLU A 108 -13.86 -1.98 1.51
CA GLU A 108 -12.65 -1.20 1.29
C GLU A 108 -12.39 -1.06 -0.20
N LYS A 109 -12.69 -2.12 -0.97
CA LYS A 109 -12.55 -2.05 -2.41
C LYS A 109 -13.47 -1.01 -3.01
N GLN A 110 -14.73 -0.97 -2.54
CA GLN A 110 -15.67 -0.01 -3.09
C GLN A 110 -15.25 1.43 -2.80
N SER A 111 -14.71 1.68 -1.61
CA SER A 111 -14.29 3.04 -1.26
C SER A 111 -13.09 3.48 -2.09
N VAL A 112 -12.11 2.60 -2.28
CA VAL A 112 -10.99 2.92 -3.18
C VAL A 112 -11.52 3.24 -4.57
N LEU A 113 -12.44 2.41 -5.06
CA LEU A 113 -13.02 2.63 -6.39
C LEU A 113 -13.71 3.98 -6.49
N GLU A 114 -14.52 4.33 -5.47
CA GLU A 114 -15.23 5.60 -5.49
C GLU A 114 -14.27 6.77 -5.49
N ARG A 115 -13.22 6.71 -4.66
CA ARG A 115 -12.29 7.82 -4.60
C ARG A 115 -11.49 7.95 -5.89
N LEU A 116 -11.30 6.86 -6.63
CA LEU A 116 -10.68 6.93 -7.95
C LEU A 116 -11.63 7.44 -9.01
N GLY A 117 -12.90 7.68 -8.67
CA GLY A 117 -13.86 8.23 -9.61
C GLY A 117 -14.74 7.21 -10.31
N ALA A 118 -14.63 5.94 -9.96
CA ALA A 118 -15.47 4.93 -10.60
C ALA A 118 -16.85 4.93 -9.96
N ILE A 119 -17.84 4.53 -10.75
CA ILE A 119 -19.20 4.28 -10.27
C ILE A 119 -19.34 2.78 -10.06
N ILE A 120 -19.96 2.40 -8.95
CA ILE A 120 -20.03 1.00 -8.55
C ILE A 120 -21.49 0.57 -8.52
N TYR A 121 -21.79 -0.54 -9.19
CA TYR A 121 -23.07 -1.21 -9.08
C TYR A 121 -22.84 -2.50 -8.30
N ARG A 122 -23.47 -2.62 -7.13
CA ARG A 122 -23.34 -3.83 -6.35
C ARG A 122 -24.44 -4.81 -6.76
N THR A 123 -24.07 -6.07 -6.88
CA THR A 123 -24.97 -7.12 -7.34
C THR A 123 -25.10 -8.22 -6.31
N PRO A 124 -26.14 -9.06 -6.40
CA PRO A 124 -26.33 -10.12 -5.41
C PRO A 124 -25.18 -11.13 -5.47
N THR A 125 -24.69 -11.49 -4.28
CA THR A 125 -23.47 -12.29 -4.15
C THR A 125 -23.52 -13.61 -4.92
N GLU A 126 -24.63 -14.33 -4.82
CA GLU A 126 -24.68 -15.75 -5.22
C GLU A 126 -24.94 -15.99 -6.70
N ALA A 127 -25.06 -14.97 -7.53
CA ALA A 127 -25.38 -15.20 -8.93
C ALA A 127 -24.25 -15.91 -9.68
N ALA A 128 -24.62 -16.91 -10.47
CA ALA A 128 -23.69 -17.62 -11.34
C ALA A 128 -23.26 -16.72 -12.50
N TYR A 129 -22.16 -17.13 -13.16
CA TYR A 129 -21.59 -16.29 -14.21
C TYR A 129 -22.59 -15.98 -15.32
N ASN A 130 -23.58 -16.85 -15.53
CA ASN A 130 -24.61 -16.63 -16.54
C ASN A 130 -25.94 -16.16 -15.95
N ASP A 131 -26.07 -16.12 -14.63
CA ASP A 131 -27.30 -15.65 -14.01
C ASP A 131 -27.54 -14.19 -14.36
N PRO A 132 -28.79 -13.79 -14.63
CA PRO A 132 -29.02 -12.49 -15.27
C PRO A 132 -28.74 -11.29 -14.38
N ASP A 133 -28.78 -11.45 -13.06
CA ASP A 133 -28.53 -10.36 -12.14
C ASP A 133 -27.07 -10.27 -11.73
N SER A 134 -26.19 -11.09 -12.32
CA SER A 134 -24.80 -11.13 -11.91
C SER A 134 -24.07 -9.88 -12.38
N HIS A 135 -22.88 -9.69 -11.82
CA HIS A 135 -22.04 -8.58 -12.25
C HIS A 135 -21.62 -8.72 -13.71
N ILE A 136 -21.40 -9.94 -14.19
CA ILE A 136 -21.05 -10.14 -15.58
C ILE A 136 -22.21 -9.76 -16.49
N SER A 137 -23.43 -10.17 -16.14
CA SER A 137 -24.59 -9.84 -16.98
CA SER A 137 -24.59 -9.84 -16.96
C SER A 137 -24.94 -8.36 -16.90
N LEU A 138 -24.87 -7.77 -15.70
CA LEU A 138 -25.21 -6.36 -15.54
C LEU A 138 -24.28 -5.47 -16.34
N ALA A 139 -22.99 -5.81 -16.39
CA ALA A 139 -22.05 -5.05 -17.20
C ALA A 139 -22.48 -5.03 -18.66
N LYS A 140 -22.97 -6.17 -19.16
CA LYS A 140 -23.44 -6.24 -20.55
C LYS A 140 -24.64 -5.34 -20.78
N LYS A 141 -25.58 -5.32 -19.83
CA LYS A 141 -26.73 -4.42 -19.96
C LYS A 141 -26.29 -2.96 -19.96
N LEU A 142 -25.34 -2.63 -19.07
CA LEU A 142 -24.85 -1.26 -19.01
C LEU A 142 -24.16 -0.85 -20.32
N GLN A 143 -23.36 -1.75 -20.90
CA GLN A 143 -22.68 -1.43 -22.14
C GLN A 143 -23.66 -1.19 -23.29
N ALA A 144 -24.77 -1.93 -23.30
CA ALA A 144 -25.77 -1.76 -24.34
C ALA A 144 -26.53 -0.45 -24.21
N GLU A 145 -26.53 0.15 -23.02
CA GLU A 145 -27.32 1.35 -22.77
C GLU A 145 -26.50 2.63 -22.68
N ILE A 146 -25.21 2.53 -22.41
CA ILE A 146 -24.36 3.70 -22.20
C ILE A 146 -23.56 3.95 -23.47
N PRO A 147 -23.73 5.10 -24.14
CA PRO A 147 -22.99 5.34 -25.38
C PRO A 147 -21.48 5.29 -25.17
N ASN A 148 -20.78 4.78 -26.18
CA ASN A 148 -19.33 4.78 -26.25
C ASN A 148 -18.70 4.07 -25.05
N SER A 149 -19.27 2.92 -24.68
CA SER A 149 -18.80 2.11 -23.58
CA SER A 149 -18.74 2.14 -23.58
C SER A 149 -18.16 0.84 -24.09
N HIS A 150 -17.32 0.23 -23.26
CA HIS A 150 -16.60 -0.97 -23.66
C HIS A 150 -16.37 -1.83 -22.43
N ILE A 151 -16.46 -3.15 -22.60
CA ILE A 151 -16.07 -4.10 -21.57
C ILE A 151 -14.75 -4.72 -22.01
N LEU A 152 -13.65 -4.32 -21.37
CA LEU A 152 -12.34 -4.85 -21.75
C LEU A 152 -12.22 -6.36 -21.52
N ASP A 153 -12.88 -6.87 -20.48
CA ASP A 153 -13.05 -8.31 -20.25
C ASP A 153 -11.75 -9.07 -19.91
N GLN A 154 -11.35 -8.99 -18.65
CA GLN A 154 -10.14 -9.69 -18.20
C GLN A 154 -10.19 -11.19 -18.42
N TYR A 155 -11.38 -11.78 -18.57
CA TYR A 155 -11.49 -13.22 -18.69
C TYR A 155 -11.12 -13.72 -20.08
N ALA A 156 -11.16 -12.85 -21.09
CA ALA A 156 -10.88 -13.25 -22.45
C ALA A 156 -9.84 -12.38 -23.15
N ASN A 157 -9.49 -11.22 -22.59
CA ASN A 157 -8.61 -10.29 -23.28
C ASN A 157 -7.17 -10.80 -23.20
N PRO A 158 -6.51 -11.06 -24.34
CA PRO A 158 -5.13 -11.58 -24.26
C PRO A 158 -4.15 -10.64 -23.58
N ASN A 159 -4.48 -9.35 -23.46
CA ASN A 159 -3.60 -8.42 -22.79
C ASN A 159 -3.57 -8.63 -21.27
N ASN A 160 -4.42 -9.50 -20.74
CA ASN A 160 -4.28 -9.97 -19.37
C ASN A 160 -3.07 -10.90 -19.27
N PRO A 161 -3.07 -12.12 -19.83
CA PRO A 161 -1.84 -12.93 -19.75
C PRO A 161 -0.63 -12.30 -20.40
N ASN A 162 -0.82 -11.50 -21.46
CA ASN A 162 0.34 -10.89 -22.11
C ASN A 162 1.08 -9.94 -21.16
N ALA A 163 0.36 -9.25 -20.30
CA ALA A 163 1.02 -8.38 -19.31
C ALA A 163 1.98 -9.18 -18.45
N HIS A 164 1.64 -10.44 -18.17
CA HIS A 164 2.49 -11.29 -17.36
C HIS A 164 3.58 -11.98 -18.16
N TYR A 165 3.28 -12.34 -19.42
CA TYR A 165 4.29 -12.94 -20.28
C TYR A 165 5.44 -11.97 -20.51
N PHE A 166 5.13 -10.71 -20.82
CA PHE A 166 6.15 -9.71 -21.13
C PHE A 166 6.63 -8.92 -19.92
N GLY A 167 5.85 -8.87 -18.84
CA GLY A 167 6.19 -8.03 -17.70
C GLY A 167 6.60 -8.87 -16.50
N THR A 168 5.61 -9.39 -15.78
CA THR A 168 5.85 -10.17 -14.57
C THR A 168 6.92 -11.24 -14.79
N ALA A 169 6.79 -12.03 -15.86
CA ALA A 169 7.72 -13.12 -16.09
C ALA A 169 9.11 -12.62 -16.46
N GLN A 170 9.20 -11.49 -17.18
CA GLN A 170 10.50 -10.91 -17.47
C GLN A 170 11.22 -10.51 -16.18
N GLU A 171 10.47 -9.95 -15.22
CA GLU A 171 11.06 -9.59 -13.93
C GLU A 171 11.56 -10.82 -13.21
N ILE A 172 10.83 -11.93 -13.30
CA ILE A 172 11.28 -13.16 -12.66
C ILE A 172 12.56 -13.67 -13.30
N ILE A 173 12.61 -13.66 -14.64
CA ILE A 173 13.85 -14.02 -15.34
C ILE A 173 15.00 -13.14 -14.90
N ASP A 174 14.76 -11.83 -14.82
CA ASP A 174 15.84 -10.90 -14.46
C ASP A 174 16.33 -11.13 -13.03
N ASP A 175 15.43 -11.50 -12.12
CA ASP A 175 15.81 -11.66 -10.71
C ASP A 175 16.46 -13.02 -10.43
N PHE A 176 16.04 -14.08 -11.13
CA PHE A 176 16.47 -15.43 -10.80
C PHE A 176 17.28 -16.13 -11.89
N GLY A 177 17.09 -15.76 -13.15
CA GLY A 177 17.69 -16.55 -14.22
C GLY A 177 17.24 -17.99 -14.17
N LYS A 178 18.18 -18.90 -14.42
CA LYS A 178 17.89 -20.33 -14.36
C LYS A 178 17.82 -20.87 -12.93
N ASP A 179 18.17 -20.05 -11.94
CA ASP A 179 18.20 -20.48 -10.55
C ASP A 179 16.84 -20.31 -9.89
N LEU A 180 15.82 -20.91 -10.51
CA LEU A 180 14.46 -20.92 -9.99
C LEU A 180 13.79 -22.18 -10.50
N HIS A 181 13.10 -22.90 -9.61
CA HIS A 181 12.66 -24.25 -9.92
C HIS A 181 11.16 -24.44 -9.78
N MET A 182 10.45 -23.49 -9.20
CA MET A 182 9.01 -23.61 -9.01
C MET A 182 8.43 -22.22 -8.82
N VAL A 183 7.26 -21.99 -9.43
CA VAL A 183 6.46 -20.79 -9.16
C VAL A 183 5.07 -21.26 -8.77
N VAL A 184 4.54 -20.68 -7.70
CA VAL A 184 3.22 -21.02 -7.18
C VAL A 184 2.36 -19.77 -7.28
N ALA A 185 1.16 -19.91 -7.85
CA ALA A 185 0.29 -18.77 -8.05
C ALA A 185 -1.16 -19.20 -7.89
N GLY A 186 -1.93 -18.40 -7.15
CA GLY A 186 -3.37 -18.57 -7.16
C GLY A 186 -3.95 -18.27 -8.53
N VAL A 187 -5.06 -18.93 -8.84
CA VAL A 187 -5.66 -18.88 -10.17
C VAL A 187 -7.07 -18.31 -10.04
N GLY A 188 -7.30 -17.16 -10.69
CA GLY A 188 -8.61 -16.56 -10.82
C GLY A 188 -8.99 -16.46 -12.27
N THR A 189 -8.60 -15.37 -12.94
CA THR A 189 -8.71 -15.36 -14.39
C THR A 189 -7.75 -16.37 -15.03
N GLY A 190 -6.66 -16.70 -14.33
CA GLY A 190 -5.61 -17.49 -14.92
C GLY A 190 -4.61 -16.70 -15.71
N GLY A 191 -4.74 -15.38 -15.78
CA GLY A 191 -3.81 -14.59 -16.57
C GLY A 191 -2.40 -14.63 -16.01
N THR A 192 -2.27 -14.49 -14.68
CA THR A 192 -0.95 -14.52 -14.06
C THR A 192 -0.25 -15.84 -14.32
N ILE A 193 -0.88 -16.95 -13.93
CA ILE A 193 -0.23 -18.25 -14.05
C ILE A 193 0.01 -18.61 -15.51
N THR A 194 -0.89 -18.22 -16.41
CA THR A 194 -0.74 -18.62 -17.81
C THR A 194 0.36 -17.82 -18.49
N GLY A 195 0.37 -16.49 -18.31
CA GLY A 195 1.43 -15.69 -18.89
C GLY A 195 2.81 -16.05 -18.35
N ILE A 196 2.90 -16.24 -17.02
CA ILE A 196 4.16 -16.63 -16.42
C ILE A 196 4.58 -18.02 -16.90
N ALA A 197 3.65 -18.98 -16.86
CA ALA A 197 4.01 -20.35 -17.23
C ALA A 197 4.51 -20.41 -18.67
N LYS A 198 3.81 -19.73 -19.58
CA LYS A 198 4.21 -19.78 -20.98
C LYS A 198 5.62 -19.22 -21.16
N ARG A 199 5.88 -18.06 -20.56
CA ARG A 199 7.20 -17.44 -20.72
C ARG A 199 8.28 -18.24 -20.01
N LEU A 200 8.04 -18.64 -18.76
CA LEU A 200 9.09 -19.28 -18.01
C LEU A 200 9.42 -20.67 -18.54
N LYS A 201 8.44 -21.39 -19.08
CA LYS A 201 8.72 -22.70 -19.65
C LYS A 201 9.43 -22.60 -20.99
N GLU A 202 9.23 -21.51 -21.72
CA GLU A 202 10.08 -21.26 -22.88
C GLU A 202 11.52 -21.05 -22.43
N PHE A 203 11.70 -20.27 -21.36
CA PHE A 203 13.04 -19.94 -20.89
C PHE A 203 13.70 -21.15 -20.22
N ASN A 204 12.93 -21.90 -19.42
CA ASN A 204 13.47 -23.02 -18.66
C ASN A 204 12.39 -24.09 -18.57
N PRO A 205 12.41 -25.06 -19.51
CA PRO A 205 11.32 -26.05 -19.53
C PRO A 205 11.21 -26.90 -18.29
N ALA A 206 12.26 -26.96 -17.46
CA ALA A 206 12.22 -27.78 -16.26
C ALA A 206 11.48 -27.11 -15.09
N ILE A 207 11.15 -25.83 -15.20
CA ILE A 207 10.50 -25.15 -14.08
C ILE A 207 9.13 -25.74 -13.83
N LYS A 208 8.75 -25.85 -12.56
CA LYS A 208 7.44 -26.34 -12.18
C LYS A 208 6.51 -25.18 -11.89
N ILE A 209 5.28 -25.27 -12.42
CA ILE A 209 4.25 -24.24 -12.28
C ILE A 209 3.10 -24.86 -11.50
N ILE A 210 2.78 -24.27 -10.34
CA ILE A 210 1.79 -24.82 -9.42
C ILE A 210 0.66 -23.82 -9.26
N GLY A 211 -0.57 -24.24 -9.53
CA GLY A 211 -1.74 -23.42 -9.28
C GLY A 211 -2.36 -23.69 -7.93
N ALA A 212 -2.88 -22.62 -7.31
CA ALA A 212 -3.67 -22.73 -6.08
C ALA A 212 -5.12 -22.36 -6.42
N ASP A 213 -6.05 -23.27 -6.10
CA ASP A 213 -7.46 -23.10 -6.46
C ASP A 213 -8.30 -23.46 -5.24
N PRO A 214 -9.26 -22.61 -4.85
CA PRO A 214 -10.10 -22.93 -3.68
C PRO A 214 -11.00 -24.14 -3.91
N GLU A 215 -11.22 -24.88 -2.83
CA GLU A 215 -12.31 -25.83 -2.82
C GLU A 215 -13.62 -25.10 -3.10
N GLY A 216 -14.41 -25.63 -4.04
CA GLY A 216 -15.62 -24.99 -4.50
C GLY A 216 -15.48 -24.31 -5.84
N SER A 217 -14.27 -24.19 -6.36
CA SER A 217 -13.98 -23.73 -7.71
C SER A 217 -13.71 -24.93 -8.59
N ILE A 218 -13.93 -24.76 -9.90
CA ILE A 218 -13.66 -25.84 -10.86
C ILE A 218 -12.33 -25.70 -11.59
N LEU A 219 -11.61 -24.58 -11.40
CA LEU A 219 -10.45 -24.33 -12.23
C LEU A 219 -9.40 -25.44 -12.10
N GLY A 220 -9.19 -25.94 -10.88
CA GLY A 220 -8.14 -26.92 -10.66
C GLY A 220 -8.66 -28.33 -10.48
N GLY A 221 -9.88 -28.56 -10.96
CA GLY A 221 -10.53 -29.85 -10.87
C GLY A 221 -11.80 -29.77 -10.05
N GLY A 222 -12.60 -30.84 -10.17
CA GLY A 222 -13.86 -30.93 -9.46
C GLY A 222 -15.03 -30.38 -10.26
N THR A 223 -16.22 -30.71 -9.78
CA THR A 223 -17.46 -30.24 -10.38
C THR A 223 -18.35 -29.48 -9.41
N GLU A 224 -18.18 -29.66 -8.11
CA GLU A 224 -19.05 -29.01 -7.13
C GLU A 224 -18.70 -27.54 -7.02
N ILE A 225 -19.72 -26.69 -7.11
CA ILE A 225 -19.58 -25.25 -6.92
C ILE A 225 -20.04 -24.91 -5.51
N LYS A 226 -19.20 -24.21 -4.77
CA LYS A 226 -19.52 -23.84 -3.40
C LYS A 226 -18.85 -22.50 -3.13
N SER A 227 -19.51 -21.66 -2.33
CA SER A 227 -18.96 -20.35 -2.05
C SER A 227 -17.88 -20.44 -0.99
N TYR A 228 -17.03 -19.42 -0.96
CA TYR A 228 -15.92 -19.32 -0.02
C TYR A 228 -15.61 -17.84 0.18
N HIS A 229 -14.85 -17.53 1.23
CA HIS A 229 -14.59 -16.14 1.59
C HIS A 229 -13.33 -15.58 0.94
N VAL A 230 -12.35 -16.41 0.59
CA VAL A 230 -11.16 -15.91 -0.09
C VAL A 230 -11.57 -15.24 -1.39
N GLU A 231 -11.00 -14.07 -1.66
CA GLU A 231 -11.35 -13.28 -2.83
C GLU A 231 -10.22 -13.31 -3.86
N GLY A 232 -10.59 -13.36 -5.13
CA GLY A 232 -9.67 -13.18 -6.22
C GLY A 232 -9.24 -14.45 -6.91
N ILE A 233 -9.48 -15.61 -6.29
CA ILE A 233 -9.11 -16.88 -6.90
C ILE A 233 -10.33 -17.77 -6.96
N GLY A 234 -10.32 -18.67 -7.96
CA GLY A 234 -11.38 -19.64 -8.17
C GLY A 234 -12.53 -19.09 -8.99
N TYR A 235 -13.17 -19.95 -9.78
CA TYR A 235 -14.32 -19.55 -10.59
C TYR A 235 -15.18 -20.77 -10.87
N ASP A 236 -16.40 -20.49 -11.34
CA ASP A 236 -17.37 -21.51 -11.71
C ASP A 236 -17.39 -21.76 -13.22
N PHE A 237 -16.44 -21.19 -13.96
CA PHE A 237 -16.28 -21.37 -15.39
C PHE A 237 -14.80 -21.25 -15.68
N PHE A 238 -14.38 -21.76 -16.84
CA PHE A 238 -12.99 -21.64 -17.23
C PHE A 238 -12.81 -20.37 -18.04
N PRO A 239 -12.07 -19.38 -17.55
CA PRO A 239 -11.82 -18.18 -18.34
C PRO A 239 -11.06 -18.52 -19.62
N ASP A 240 -11.38 -17.80 -20.70
CA ASP A 240 -10.71 -18.04 -21.98
C ASP A 240 -9.21 -17.84 -21.89
N VAL A 241 -8.74 -16.95 -21.01
CA VAL A 241 -7.30 -16.70 -20.93
C VAL A 241 -6.53 -17.79 -20.19
N LEU A 242 -7.21 -18.66 -19.44
CA LEU A 242 -6.53 -19.69 -18.66
C LEU A 242 -6.14 -20.86 -19.56
N ASP A 243 -4.86 -21.25 -19.51
CA ASP A 243 -4.38 -22.45 -20.21
C ASP A 243 -3.92 -23.45 -19.15
N ASN A 244 -4.83 -24.33 -18.75
CA ASN A 244 -4.49 -25.34 -17.74
C ASN A 244 -3.44 -26.33 -18.23
N THR A 245 -3.20 -26.42 -19.54
CA THR A 245 -2.17 -27.35 -20.02
C THR A 245 -0.75 -26.93 -19.65
N LEU A 246 -0.55 -25.69 -19.20
CA LEU A 246 0.76 -25.20 -18.81
C LEU A 246 1.03 -25.39 -17.33
N ILE A 247 0.05 -25.87 -16.57
CA ILE A 247 0.16 -25.97 -15.12
C ILE A 247 0.52 -27.41 -14.77
N ASP A 248 1.57 -27.57 -13.95
CA ASP A 248 2.06 -28.91 -13.60
C ASP A 248 1.22 -29.59 -12.53
N ALA A 249 0.64 -28.83 -11.61
CA ALA A 249 -0.16 -29.38 -10.54
C ALA A 249 -1.01 -28.28 -9.98
N TYR A 250 -2.16 -28.66 -9.44
CA TYR A 250 -2.98 -27.77 -8.64
C TYR A 250 -2.99 -28.26 -7.20
N ILE A 251 -3.00 -27.31 -6.27
CA ILE A 251 -3.28 -27.57 -4.86
C ILE A 251 -4.62 -26.92 -4.56
N LYS A 252 -5.56 -27.70 -4.02
CA LYS A 252 -6.83 -27.16 -3.58
C LYS A 252 -6.68 -26.52 -2.21
N THR A 253 -7.09 -25.26 -2.09
CA THR A 253 -6.92 -24.48 -0.88
C THR A 253 -8.27 -24.30 -0.19
N ASN A 254 -8.22 -23.83 1.05
CA ASN A 254 -9.44 -23.64 1.83
C ASN A 254 -9.33 -22.34 2.61
N ASP A 255 -10.48 -21.81 3.05
CA ASP A 255 -10.51 -20.50 3.69
C ASP A 255 -9.67 -20.47 4.96
N ALA A 256 -9.85 -21.45 5.83
CA ALA A 256 -9.19 -21.42 7.13
C ALA A 256 -7.68 -21.40 6.99
N ASP A 257 -7.14 -22.32 6.18
CA ASP A 257 -5.69 -22.36 6.01
C ASP A 257 -5.17 -21.13 5.26
N SER A 258 -5.97 -20.58 4.34
CA SER A 258 -5.55 -19.39 3.62
C SER A 258 -5.43 -18.19 4.56
N PHE A 259 -6.46 -17.94 5.36
CA PHE A 259 -6.44 -16.80 6.25
C PHE A 259 -5.45 -17.00 7.39
N ARG A 260 -5.33 -18.22 7.90
CA ARG A 260 -4.32 -18.50 8.91
C ARG A 260 -2.93 -18.23 8.39
N THR A 261 -2.63 -18.67 7.16
CA THR A 261 -1.31 -18.47 6.58
C THR A 261 -1.07 -17.00 6.26
N ALA A 262 -2.12 -16.30 5.82
CA ALA A 262 -1.98 -14.86 5.59
C ALA A 262 -1.60 -14.15 6.88
N ARG A 263 -2.25 -14.50 7.99
CA ARG A 263 -1.88 -13.88 9.26
C ARG A 263 -0.45 -14.22 9.65
N ARG A 264 0.02 -15.44 9.35
CA ARG A 264 1.42 -15.78 9.61
C ARG A 264 2.36 -14.94 8.77
N LEU A 265 2.01 -14.71 7.50
CA LEU A 265 2.86 -13.85 6.66
C LEU A 265 3.00 -12.46 7.25
N ILE A 266 1.91 -11.90 7.77
CA ILE A 266 1.98 -10.56 8.36
C ILE A 266 2.84 -10.58 9.61
N LYS A 267 2.55 -11.50 10.54
CA LYS A 267 3.16 -11.48 11.86
C LYS A 267 4.61 -11.96 11.85
N GLU A 268 4.92 -12.97 11.02
CA GLU A 268 6.24 -13.58 11.03
C GLU A 268 7.17 -13.07 9.95
N GLU A 269 6.63 -12.48 8.88
CA GLU A 269 7.46 -11.94 7.80
C GLU A 269 7.29 -10.43 7.62
N GLY A 270 6.32 -9.80 8.29
CA GLY A 270 6.07 -8.39 8.10
C GLY A 270 5.54 -8.04 6.73
N LEU A 271 4.86 -8.98 6.06
CA LEU A 271 4.30 -8.76 4.73
C LEU A 271 2.82 -8.43 4.87
N LEU A 272 2.45 -7.19 4.53
CA LEU A 272 1.08 -6.70 4.76
C LEU A 272 0.19 -7.08 3.57
N ILE A 273 -0.15 -8.37 3.51
CA ILE A 273 -0.72 -8.98 2.32
C ILE A 273 -2.20 -9.32 2.47
N GLY A 274 -2.80 -9.89 1.41
CA GLY A 274 -4.21 -10.23 1.41
C GLY A 274 -4.49 -11.71 1.58
N GLY A 275 -5.78 -12.04 1.51
CA GLY A 275 -6.22 -13.40 1.81
C GLY A 275 -5.70 -14.43 0.82
N SER A 276 -5.77 -14.13 -0.48
CA SER A 276 -5.27 -15.08 -1.47
C SER A 276 -3.76 -15.22 -1.44
N CYS A 277 -3.06 -14.26 -0.83
CA CYS A 277 -1.63 -14.46 -0.58
C CYS A 277 -1.41 -15.60 0.39
N GLY A 278 -2.25 -15.67 1.43
CA GLY A 278 -2.20 -16.82 2.32
C GLY A 278 -2.52 -18.12 1.62
N ALA A 279 -3.48 -18.11 0.71
CA ALA A 279 -3.82 -19.31 -0.06
C ALA A 279 -2.63 -19.78 -0.89
N ALA A 280 -2.01 -18.85 -1.63
CA ALA A 280 -0.88 -19.24 -2.48
C ALA A 280 0.30 -19.70 -1.66
N MET A 281 0.58 -19.02 -0.55
CA MET A 281 1.70 -19.42 0.29
C MET A 281 1.45 -20.78 0.94
N TRP A 282 0.23 -21.00 1.44
CA TRP A 282 -0.10 -22.31 2.00
C TRP A 282 0.07 -23.41 0.95
N ALA A 283 -0.37 -23.16 -0.28
CA ALA A 283 -0.19 -24.13 -1.34
C ALA A 283 1.29 -24.38 -1.59
N ALA A 284 2.10 -23.32 -1.60
CA ALA A 284 3.54 -23.48 -1.84
C ALA A 284 4.20 -24.29 -0.73
N LEU A 285 3.75 -24.11 0.51
CA LEU A 285 4.34 -24.87 1.61
C LEU A 285 4.06 -26.36 1.48
N GLN A 286 3.02 -26.75 0.71
CA GLN A 286 2.80 -28.15 0.34
C GLN A 286 3.61 -28.53 -0.90
N ALA A 287 3.44 -27.78 -1.99
CA ALA A 287 4.01 -28.19 -3.28
C ALA A 287 5.54 -28.12 -3.28
N ALA A 288 6.14 -27.17 -2.56
CA ALA A 288 7.59 -27.04 -2.61
C ALA A 288 8.33 -28.18 -1.94
N LYS A 289 7.61 -29.11 -1.30
CA LYS A 289 8.27 -30.26 -0.71
C LYS A 289 8.97 -31.14 -1.75
N SER A 290 8.63 -30.99 -3.03
CA SER A 290 9.31 -31.75 -4.08
C SER A 290 10.68 -31.18 -4.43
N LEU A 291 11.03 -29.99 -3.96
CA LEU A 291 12.31 -29.40 -4.29
C LEU A 291 13.39 -29.84 -3.30
N SER A 292 14.64 -29.78 -3.75
CA SER A 292 15.79 -30.22 -2.98
CA SER A 292 15.78 -30.22 -2.97
C SER A 292 16.63 -29.03 -2.53
N LYS A 293 17.67 -29.34 -1.75
CA LYS A 293 18.60 -28.32 -1.27
C LYS A 293 19.19 -27.56 -2.45
N GLY A 294 19.26 -26.24 -2.30
CA GLY A 294 19.80 -25.39 -3.33
C GLY A 294 18.81 -25.00 -4.40
N GLN A 295 17.60 -25.54 -4.37
CA GLN A 295 16.57 -25.13 -5.30
C GLN A 295 15.72 -24.02 -4.67
N LYS A 296 14.94 -23.36 -5.52
CA LYS A 296 14.23 -22.16 -5.10
C LYS A 296 12.80 -22.17 -5.63
N CYS A 297 11.88 -21.73 -4.76
CA CYS A 297 10.46 -21.63 -5.09
C CYS A 297 10.02 -20.18 -4.89
N LEU A 298 9.26 -19.65 -5.85
CA LEU A 298 8.72 -18.29 -5.81
C LEU A 298 7.21 -18.35 -5.73
N VAL A 299 6.62 -17.57 -4.82
CA VAL A 299 5.17 -17.49 -4.67
C VAL A 299 4.73 -16.09 -5.08
N ILE A 300 3.69 -15.99 -5.91
CA ILE A 300 3.10 -14.70 -6.26
C ILE A 300 2.17 -14.27 -5.14
N LEU A 301 2.39 -13.06 -4.59
CA LEU A 301 1.49 -12.53 -3.57
C LEU A 301 0.69 -11.38 -4.19
N PRO A 302 -0.60 -11.59 -4.50
CA PRO A 302 -1.29 -10.65 -5.40
C PRO A 302 -1.65 -9.28 -4.85
N ASP A 303 -1.97 -9.10 -3.57
CA ASP A 303 -2.50 -7.80 -3.16
C ASP A 303 -2.19 -7.52 -1.70
N SER A 304 -2.74 -6.42 -1.21
CA SER A 304 -2.38 -5.88 0.10
C SER A 304 -3.48 -6.13 1.11
N ILE A 305 -3.11 -6.01 2.39
CA ILE A 305 -4.06 -6.15 3.49
C ILE A 305 -5.18 -5.12 3.41
N ARG A 306 -4.95 -4.01 2.69
CA ARG A 306 -5.90 -2.90 2.67
C ARG A 306 -7.31 -3.36 2.30
N ASN A 307 -7.42 -4.30 1.37
CA ASN A 307 -8.73 -4.73 0.92
C ASN A 307 -9.48 -5.57 1.94
N TYR A 308 -8.84 -5.97 3.05
CA TYR A 308 -9.42 -6.96 3.95
C TYR A 308 -9.38 -6.52 5.41
N MET A 309 -9.29 -5.20 5.67
CA MET A 309 -9.17 -4.75 7.04
CA MET A 309 -9.19 -4.72 7.04
C MET A 309 -10.39 -5.14 7.87
N SER A 310 -11.57 -5.18 7.25
CA SER A 310 -12.79 -5.54 7.94
C SER A 310 -13.09 -7.02 7.85
N LYS A 311 -12.22 -7.78 7.19
CA LYS A 311 -12.42 -9.22 7.01
C LYS A 311 -11.34 -9.99 7.75
N PHE A 312 -10.45 -10.72 7.05
CA PHE A 312 -9.54 -11.60 7.76
C PHE A 312 -8.61 -10.85 8.71
N ALA A 313 -8.37 -9.56 8.49
CA ALA A 313 -7.53 -8.79 9.41
C ALA A 313 -8.24 -8.45 10.70
N ASN A 314 -9.52 -8.79 10.85
CA ASN A 314 -10.35 -8.44 11.98
C ASN A 314 -10.67 -9.70 12.76
N ASP A 315 -10.36 -9.71 14.06
CA ASP A 315 -10.52 -10.92 14.86
C ASP A 315 -11.99 -11.32 14.97
N GLU A 316 -12.89 -10.34 15.10
CA GLU A 316 -14.30 -10.67 15.24
C GLU A 316 -14.84 -11.33 13.99
N TRP A 317 -14.44 -10.84 12.81
CA TRP A 317 -14.85 -11.48 11.56
C TRP A 317 -14.31 -12.90 11.48
N MET A 318 -13.04 -13.09 11.84
CA MET A 318 -12.44 -14.42 11.79
C MET A 318 -13.17 -15.40 12.69
N LYS A 319 -13.54 -14.98 13.90
CA LYS A 319 -14.26 -15.88 14.80
C LYS A 319 -15.66 -16.17 14.26
N GLU A 320 -16.34 -15.14 13.77
CA GLU A 320 -17.68 -15.29 13.24
C GLU A 320 -17.71 -16.31 12.10
N MET A 321 -16.70 -16.29 11.26
CA MET A 321 -16.64 -17.15 10.09
C MET A 321 -15.97 -18.50 10.35
N GLY A 322 -15.53 -18.77 11.57
CA GLY A 322 -15.00 -20.07 11.92
C GLY A 322 -13.51 -20.25 11.71
N PHE A 323 -12.75 -19.17 11.60
CA PHE A 323 -11.32 -19.22 11.33
C PHE A 323 -10.46 -18.91 12.55
N LEU A 324 -11.06 -18.65 13.70
CA LEU A 324 -10.34 -18.31 14.90
C LEU A 324 -11.14 -18.80 16.10
N HIS B 8 18.33 -5.41 -10.87
CA HIS B 8 17.52 -6.46 -10.26
C HIS B 8 18.04 -6.75 -8.86
N MET B 9 17.17 -7.24 -7.99
CA MET B 9 17.61 -7.52 -6.63
C MET B 9 16.59 -8.41 -5.93
N ILE B 10 17.09 -9.40 -5.21
CA ILE B 10 16.25 -10.19 -4.31
C ILE B 10 16.50 -9.66 -2.91
N TYR B 11 15.45 -9.32 -2.20
CA TYR B 11 15.63 -8.71 -0.90
C TYR B 11 15.64 -9.77 0.19
N PRO B 12 16.56 -9.68 1.18
CA PRO B 12 16.62 -10.73 2.20
C PRO B 12 15.44 -10.72 3.16
N ASN B 13 14.82 -9.56 3.36
CA ASN B 13 13.62 -9.46 4.17
C ASN B 13 12.91 -8.18 3.76
N ILE B 14 11.71 -7.97 4.31
CA ILE B 14 10.89 -6.83 3.89
C ILE B 14 11.51 -5.49 4.29
N LEU B 15 12.33 -5.46 5.35
CA LEU B 15 12.92 -4.18 5.75
C LEU B 15 13.86 -3.64 4.67
N ALA B 16 14.44 -4.51 3.85
CA ALA B 16 15.34 -4.07 2.81
C ALA B 16 14.62 -3.32 1.69
N THR B 17 13.29 -3.36 1.64
CA THR B 17 12.53 -2.59 0.65
C THR B 17 12.18 -1.18 1.12
N ILE B 18 12.54 -0.80 2.35
CA ILE B 18 12.25 0.54 2.84
C ILE B 18 13.08 1.56 2.07
N GLY B 19 12.44 2.68 1.71
CA GLY B 19 13.12 3.78 1.05
C GLY B 19 13.16 3.64 -0.46
N HIS B 20 13.99 4.49 -1.07
CA HIS B 20 14.11 4.58 -2.52
C HIS B 20 12.74 4.69 -3.20
N THR B 21 11.94 5.63 -2.69
CA THR B 21 10.55 5.76 -3.10
C THR B 21 10.44 6.59 -4.37
N PRO B 22 9.45 6.29 -5.20
CA PRO B 22 9.29 7.01 -6.48
C PRO B 22 8.91 8.46 -6.29
N VAL B 23 9.43 9.30 -7.18
CA VAL B 23 8.96 10.66 -7.38
C VAL B 23 8.15 10.68 -8.67
N VAL B 24 6.94 11.23 -8.60
CA VAL B 24 6.00 11.26 -9.70
C VAL B 24 5.64 12.70 -10.01
N LYS B 25 5.59 13.06 -11.29
CA LYS B 25 5.11 14.39 -11.68
C LYS B 25 3.61 14.50 -11.43
N ILE B 26 3.20 15.66 -10.93
CA ILE B 26 1.80 16.00 -10.72
C ILE B 26 1.33 16.70 -11.99
N ASN B 27 0.29 16.16 -12.62
CA ASN B 27 -0.09 16.55 -13.98
C ASN B 27 -1.38 17.35 -14.09
N ARG B 28 -2.24 17.33 -13.08
CA ARG B 28 -3.47 18.11 -13.09
C ARG B 28 -3.53 19.17 -12.01
N LEU B 29 -3.17 18.83 -10.77
CA LEU B 29 -3.36 19.79 -9.68
C LEU B 29 -2.49 21.02 -9.82
N GLY B 30 -1.33 20.91 -10.45
CA GLY B 30 -0.46 22.07 -10.57
C GLY B 30 -0.64 22.87 -11.85
N LYS B 31 -1.80 22.74 -12.49
CA LYS B 31 -1.98 23.35 -13.80
C LYS B 31 -1.94 24.88 -13.78
N ASP B 32 -2.18 25.52 -12.63
CA ASP B 32 -2.15 26.97 -12.54
C ASP B 32 -0.81 27.52 -12.08
N LEU B 33 0.17 26.65 -11.84
CA LEU B 33 1.49 27.10 -11.43
C LEU B 33 2.36 27.33 -12.65
N GLU B 34 3.32 28.24 -12.51
CA GLU B 34 4.34 28.42 -13.53
C GLU B 34 5.33 27.27 -13.51
N CYS B 35 5.65 26.77 -12.32
CA CYS B 35 6.67 25.76 -12.14
C CYS B 35 6.08 24.37 -12.41
N GLU B 36 6.97 23.39 -12.45
CA GLU B 36 6.58 21.99 -12.46
C GLU B 36 6.51 21.46 -11.03
N LEU B 37 5.62 20.50 -10.81
CA LEU B 37 5.27 20.03 -9.47
C LEU B 37 5.38 18.51 -9.41
N TYR B 38 5.97 18.01 -8.33
CA TYR B 38 6.31 16.59 -8.19
C TYR B 38 5.96 16.14 -6.78
N ALA B 39 5.77 14.83 -6.63
CA ALA B 39 5.42 14.24 -5.34
C ALA B 39 6.33 13.04 -5.05
N LYS B 40 6.89 12.99 -3.84
CA LYS B 40 7.66 11.83 -3.40
C LYS B 40 6.72 10.91 -2.63
N CYS B 41 6.55 9.69 -3.15
CA CYS B 41 5.44 8.81 -2.76
C CYS B 41 5.90 7.84 -1.67
N GLU B 42 5.80 8.27 -0.41
CA GLU B 42 6.25 7.43 0.70
C GLU B 42 5.29 6.30 1.03
N PHE B 43 4.10 6.28 0.43
CA PHE B 43 3.19 5.16 0.63
C PHE B 43 3.69 3.86 0.00
N PHE B 44 4.74 3.91 -0.82
CA PHE B 44 5.33 2.70 -1.37
C PHE B 44 6.19 1.93 -0.36
N ASN B 45 6.50 2.52 0.79
CA ASN B 45 7.21 1.80 1.83
C ASN B 45 6.38 0.60 2.28
N PRO B 46 7.03 -0.50 2.71
CA PRO B 46 6.30 -1.75 3.00
C PRO B 46 5.29 -1.66 4.13
N GLY B 47 5.52 -0.77 5.11
CA GLY B 47 4.53 -0.52 6.13
C GLY B 47 3.48 0.50 5.75
N GLY B 48 3.65 1.13 4.59
CA GLY B 48 2.69 2.08 4.08
C GLY B 48 2.99 3.54 4.36
N SER B 49 4.12 3.86 4.99
CA SER B 49 4.39 5.26 5.29
C SER B 49 5.88 5.54 5.37
N VAL B 50 6.19 6.84 5.28
CA VAL B 50 7.53 7.39 5.48
C VAL B 50 8.15 6.93 6.79
N LYS B 51 7.31 6.64 7.80
CA LYS B 51 7.84 6.32 9.12
CA LYS B 51 7.86 6.33 9.12
C LYS B 51 8.55 4.97 9.18
N ASP B 52 8.37 4.12 8.17
CA ASP B 52 9.18 2.92 8.09
C ASP B 52 10.65 3.26 8.20
N ARG B 53 11.04 4.39 7.60
CA ARG B 53 12.45 4.78 7.56
C ARG B 53 12.98 5.00 8.97
N ILE B 54 12.21 5.66 9.83
CA ILE B 54 12.72 5.96 11.17
C ILE B 54 12.51 4.79 12.13
N GLY B 55 11.46 4.00 11.94
CA GLY B 55 11.35 2.77 12.72
C GLY B 55 12.57 1.90 12.52
N TYR B 56 12.97 1.72 11.26
CA TYR B 56 14.16 0.94 10.95
C TYR B 56 15.42 1.59 11.53
N GLU B 57 15.64 2.88 11.23
CA GLU B 57 16.88 3.53 11.65
C GLU B 57 17.02 3.53 13.16
N MET B 58 15.94 3.86 13.87
CA MET B 58 16.03 3.92 15.34
C MET B 58 16.34 2.55 15.93
N VAL B 59 15.69 1.49 15.42
CA VAL B 59 15.92 0.15 15.95
C VAL B 59 17.35 -0.31 15.67
N VAL B 60 17.80 -0.16 14.42
CA VAL B 60 19.10 -0.71 14.05
C VAL B 60 20.22 0.03 14.75
N LYS B 61 20.13 1.36 14.86
CA LYS B 61 21.17 2.11 15.54
C LYS B 61 21.19 1.80 17.03
N ALA B 62 20.03 1.71 17.66
CA ALA B 62 19.98 1.40 19.09
C ALA B 62 20.55 0.01 19.36
N GLU B 63 20.25 -0.95 18.48
CA GLU B 63 20.78 -2.30 18.66
C GLU B 63 22.29 -2.31 18.53
N LYS B 64 22.82 -1.59 17.53
CA LYS B 64 24.28 -1.54 17.35
C LYS B 64 24.96 -0.87 18.54
N GLU B 65 24.31 0.12 19.15
CA GLU B 65 24.89 0.83 20.29
C GLU B 65 24.72 0.09 21.61
N GLY B 66 23.99 -1.02 21.62
CA GLY B 66 23.75 -1.76 22.85
C GLY B 66 22.63 -1.22 23.72
N ARG B 67 21.84 -0.26 23.24
CA ARG B 67 20.72 0.24 24.04
C ARG B 67 19.57 -0.74 24.09
N ILE B 68 19.38 -1.54 23.03
CA ILE B 68 18.35 -2.55 22.95
C ILE B 68 18.97 -3.81 22.39
N LYS B 69 18.29 -4.94 22.58
CA LYS B 69 18.71 -6.22 22.02
C LYS B 69 17.47 -7.02 21.66
N PRO B 70 17.54 -7.90 20.67
CA PRO B 70 16.38 -8.73 20.32
C PRO B 70 15.84 -9.45 21.54
N GLY B 71 14.51 -9.50 21.63
CA GLY B 71 13.82 -9.99 22.80
C GLY B 71 13.34 -8.91 23.73
N ASP B 72 13.92 -7.71 23.64
CA ASP B 72 13.47 -6.59 24.44
C ASP B 72 12.11 -6.11 23.94
N THR B 73 11.49 -5.26 24.76
CA THR B 73 10.22 -4.62 24.41
C THR B 73 10.48 -3.16 24.03
N LEU B 74 9.92 -2.75 22.91
CA LEU B 74 10.01 -1.36 22.46
C LEU B 74 8.64 -0.72 22.65
N ILE B 75 8.61 0.39 23.38
CA ILE B 75 7.39 1.12 23.69
C ILE B 75 7.47 2.48 23.02
N GLU B 76 6.45 2.83 22.24
CA GLU B 76 6.54 4.10 21.50
C GLU B 76 5.23 4.86 21.49
N PRO B 77 5.25 6.13 21.90
CA PRO B 77 4.08 7.00 21.69
C PRO B 77 4.06 7.44 20.23
N THR B 78 2.89 7.35 19.60
CA THR B 78 2.83 7.55 18.15
C THR B 78 1.41 7.91 17.74
N SER B 79 1.31 8.58 16.60
CA SER B 79 0.02 8.74 15.93
C SER B 79 -0.31 7.53 15.07
N GLY B 80 0.59 6.55 14.99
CA GLY B 80 0.29 5.31 14.30
C GLY B 80 1.41 4.86 13.38
N ASN B 81 1.89 5.77 12.52
CA ASN B 81 2.82 5.35 11.47
C ASN B 81 4.19 4.97 12.01
N THR B 82 4.74 5.72 12.97
CA THR B 82 5.98 5.30 13.58
C THR B 82 5.80 3.98 14.32
N GLY B 83 4.66 3.82 14.98
CA GLY B 83 4.34 2.54 15.58
C GLY B 83 4.38 1.40 14.58
N ILE B 84 3.81 1.61 13.38
CA ILE B 84 3.83 0.57 12.35
C ILE B 84 5.26 0.29 11.89
N GLY B 85 6.06 1.34 11.71
CA GLY B 85 7.44 1.13 11.32
C GLY B 85 8.23 0.35 12.35
N ILE B 86 8.05 0.66 13.64
CA ILE B 86 8.71 -0.10 14.69
C ILE B 86 8.16 -1.53 14.76
N ALA B 87 6.84 -1.67 14.62
CA ALA B 87 6.25 -3.01 14.65
C ALA B 87 6.75 -3.86 13.50
N LEU B 88 6.94 -3.25 12.33
CA LEU B 88 7.48 -3.97 11.19
C LEU B 88 8.89 -4.46 11.50
N ALA B 89 9.74 -3.54 11.99
CA ALA B 89 11.10 -3.92 12.38
C ALA B 89 11.10 -4.97 13.48
N GLY B 90 10.18 -4.83 14.44
CA GLY B 90 10.12 -5.79 15.54
C GLY B 90 9.67 -7.17 15.10
N ALA B 91 8.71 -7.23 14.17
CA ALA B 91 8.27 -8.52 13.66
C ALA B 91 9.41 -9.25 12.95
N VAL B 92 10.21 -8.52 12.17
CA VAL B 92 11.28 -9.13 11.40
C VAL B 92 12.46 -9.49 12.29
N LEU B 93 12.86 -8.57 13.17
CA LEU B 93 14.09 -8.71 13.93
C LEU B 93 13.89 -9.34 15.31
N GLY B 94 12.65 -9.48 15.78
CA GLY B 94 12.43 -10.14 17.05
C GLY B 94 12.36 -9.24 18.28
N TYR B 95 11.62 -8.16 18.18
CA TYR B 95 11.34 -7.29 19.33
C TYR B 95 9.85 -7.32 19.61
N LYS B 96 9.49 -7.30 20.88
CA LYS B 96 8.10 -7.08 21.28
C LYS B 96 7.85 -5.58 21.18
N VAL B 97 6.64 -5.21 20.75
CA VAL B 97 6.34 -3.81 20.46
C VAL B 97 5.03 -3.42 21.15
N ILE B 98 5.07 -2.32 21.89
CA ILE B 98 3.89 -1.74 22.53
C ILE B 98 3.76 -0.30 22.03
N ILE B 99 2.54 0.07 21.62
CA ILE B 99 2.24 1.40 21.11
CA ILE B 99 2.24 1.41 21.12
C ILE B 99 1.28 2.08 22.07
N THR B 100 1.51 3.37 22.33
CA THR B 100 0.51 4.23 22.96
C THR B 100 0.07 5.25 21.91
N MET B 101 -1.25 5.43 21.76
CA MET B 101 -1.77 6.17 20.63
C MET B 101 -3.07 6.85 20.99
N PRO B 102 -3.25 8.14 20.67
CA PRO B 102 -4.51 8.83 20.99
C PRO B 102 -5.70 8.21 20.29
N GLU B 103 -6.88 8.38 20.91
CA GLU B 103 -8.12 7.81 20.38
C GLU B 103 -8.47 8.37 19.01
N LYS B 104 -7.97 9.56 18.68
CA LYS B 104 -8.26 10.18 17.39
C LYS B 104 -7.78 9.34 16.21
N MET B 105 -6.71 8.57 16.40
CA MET B 105 -6.08 7.89 15.27
C MET B 105 -6.94 6.75 14.74
N SER B 106 -6.79 6.50 13.45
CA SER B 106 -7.72 5.60 12.76
C SER B 106 -7.67 4.17 13.30
N GLN B 107 -8.81 3.49 13.17
CA GLN B 107 -8.88 2.07 13.51
C GLN B 107 -7.98 1.24 12.61
N GLU B 108 -7.83 1.64 11.35
CA GLU B 108 -6.99 0.88 10.42
C GLU B 108 -5.55 0.80 10.92
N LYS B 109 -5.05 1.87 11.51
CA LYS B 109 -3.68 1.84 12.05
C LYS B 109 -3.59 0.81 13.16
N GLN B 110 -4.59 0.76 14.04
CA GLN B 110 -4.57 -0.22 15.13
C GLN B 110 -4.64 -1.65 14.60
N SER B 111 -5.47 -1.88 13.57
CA SER B 111 -5.57 -3.22 12.99
CA SER B 111 -5.56 -3.23 13.01
C SER B 111 -4.24 -3.68 12.40
N VAL B 112 -3.57 -2.80 11.65
CA VAL B 112 -2.26 -3.15 11.10
C VAL B 112 -1.29 -3.48 12.22
N LEU B 113 -1.25 -2.63 13.27
CA LEU B 113 -0.37 -2.87 14.39
C LEU B 113 -0.65 -4.22 15.04
N GLU B 114 -1.94 -4.54 15.26
CA GLU B 114 -2.29 -5.81 15.88
C GLU B 114 -1.86 -7.00 15.03
N ARG B 115 -2.05 -6.92 13.71
CA ARG B 115 -1.65 -8.04 12.85
C ARG B 115 -0.14 -8.22 12.79
N LEU B 116 0.62 -7.13 12.99
CA LEU B 116 2.06 -7.23 13.08
C LEU B 116 2.53 -7.70 14.45
N GLY B 117 1.62 -7.91 15.40
CA GLY B 117 1.96 -8.43 16.70
C GLY B 117 2.15 -7.41 17.80
N ALA B 118 1.87 -6.14 17.54
CA ALA B 118 2.02 -5.10 18.55
C ALA B 118 0.82 -5.06 19.48
N ILE B 119 1.05 -4.56 20.69
CA ILE B 119 0.02 -4.28 21.68
C ILE B 119 -0.25 -2.77 21.65
N ILE B 120 -1.53 -2.38 21.72
CA ILE B 120 -1.92 -0.98 21.57
C ILE B 120 -2.65 -0.51 22.83
N TYR B 121 -2.20 0.63 23.37
CA TYR B 121 -2.89 1.36 24.43
C TYR B 121 -3.42 2.66 23.84
N ARG B 122 -4.73 2.88 23.93
CA ARG B 122 -5.36 4.12 23.48
C ARG B 122 -5.43 5.14 24.62
N THR B 123 -5.14 6.40 24.31
CA THR B 123 -5.14 7.48 25.28
C THR B 123 -6.10 8.59 24.85
N PRO B 124 -6.55 9.43 25.78
CA PRO B 124 -7.56 10.45 25.42
C PRO B 124 -7.00 11.48 24.46
N THR B 125 -7.78 11.76 23.40
CA THR B 125 -7.36 12.72 22.37
C THR B 125 -7.05 14.08 22.97
N GLU B 126 -7.89 14.53 23.90
CA GLU B 126 -7.81 15.90 24.37
C GLU B 126 -6.73 16.10 25.44
N ALA B 127 -6.02 15.05 25.83
CA ALA B 127 -4.99 15.19 26.85
C ALA B 127 -3.82 15.99 26.27
N ALA B 128 -3.32 16.96 27.03
CA ALA B 128 -2.14 17.67 26.59
C ALA B 128 -0.95 16.72 26.62
N TYR B 129 0.09 17.08 25.87
CA TYR B 129 1.25 16.19 25.75
C TYR B 129 1.85 15.85 27.10
N ASN B 130 1.76 16.77 28.07
CA ASN B 130 2.32 16.58 29.40
C ASN B 130 1.26 16.25 30.45
N ASP B 131 0.03 15.98 30.04
CA ASP B 131 -1.00 15.46 30.94
CA ASP B 131 -0.96 15.48 30.97
C ASP B 131 -0.61 14.03 31.33
N PRO B 132 -0.85 13.63 32.58
CA PRO B 132 -0.47 12.27 33.00
C PRO B 132 -1.07 11.16 32.15
N ASP B 133 -2.17 11.41 31.44
CA ASP B 133 -2.86 10.38 30.67
CA ASP B 133 -2.83 10.36 30.66
C ASP B 133 -2.56 10.45 29.17
N SER B 134 -1.66 11.33 28.74
CA SER B 134 -1.34 11.39 27.32
C SER B 134 -0.60 10.12 26.90
N HIS B 135 -0.52 9.91 25.58
CA HIS B 135 0.24 8.78 25.05
C HIS B 135 1.71 8.89 25.39
N ILE B 136 2.24 10.12 25.41
CA ILE B 136 3.64 10.34 25.77
C ILE B 136 3.87 9.97 27.24
N SER B 137 2.98 10.42 28.12
CA SER B 137 3.13 10.11 29.54
C SER B 137 2.92 8.62 29.80
N LEU B 138 1.96 7.99 29.11
CA LEU B 138 1.71 6.57 29.35
C LEU B 138 2.89 5.71 28.92
N ALA B 139 3.54 6.06 27.80
CA ALA B 139 4.72 5.31 27.38
C ALA B 139 5.78 5.32 28.47
N LYS B 140 6.00 6.48 29.11
CA LYS B 140 6.98 6.56 30.18
C LYS B 140 6.59 5.70 31.38
N LYS B 141 5.30 5.72 31.75
CA LYS B 141 4.85 4.90 32.87
C LYS B 141 5.03 3.42 32.58
N LEU B 142 4.70 2.99 31.35
CA LEU B 142 4.86 1.59 30.99
C LEU B 142 6.33 1.18 31.01
N GLN B 143 7.22 2.03 30.49
CA GLN B 143 8.64 1.68 30.44
C GLN B 143 9.21 1.54 31.85
N ALA B 144 8.72 2.33 32.79
CA ALA B 144 9.22 2.23 34.16
C ALA B 144 8.81 0.92 34.82
N GLU B 145 7.79 0.24 34.30
CA GLU B 145 7.24 -0.96 34.92
C GLU B 145 7.57 -2.25 34.21
N ILE B 146 7.81 -2.23 32.89
CA ILE B 146 7.91 -3.43 32.09
C ILE B 146 9.38 -3.82 31.96
N PRO B 147 9.78 -5.02 32.39
CA PRO B 147 11.19 -5.40 32.30
C PRO B 147 11.70 -5.37 30.87
N ASN B 148 12.94 -4.93 30.72
CA ASN B 148 13.66 -4.98 29.44
C ASN B 148 12.93 -4.20 28.36
N SER B 149 12.33 -3.06 28.74
CA SER B 149 11.60 -2.22 27.80
C SER B 149 12.32 -0.90 27.61
N HIS B 150 12.11 -0.30 26.43
CA HIS B 150 12.84 0.89 26.02
C HIS B 150 11.96 1.73 25.11
N ILE B 151 12.08 3.03 25.25
CA ILE B 151 11.39 4.00 24.39
C ILE B 151 12.43 4.60 23.44
N LEU B 152 12.32 4.27 22.16
CA LEU B 152 13.24 4.86 21.18
C LEU B 152 13.05 6.37 21.07
N ASP B 153 11.80 6.84 21.21
CA ASP B 153 11.43 8.25 21.32
C ASP B 153 11.67 9.06 20.04
N GLN B 154 10.75 8.94 19.09
CA GLN B 154 10.87 9.65 17.82
C GLN B 154 10.92 11.17 18.00
N TYR B 155 10.42 11.70 19.13
CA TYR B 155 10.39 13.13 19.31
C TYR B 155 11.75 13.72 19.63
N ALA B 156 12.69 12.91 20.14
CA ALA B 156 14.01 13.38 20.50
C ALA B 156 15.15 12.58 19.90
N ASN B 157 14.88 11.42 19.34
CA ASN B 157 15.95 10.54 18.86
C ASN B 157 16.55 11.11 17.57
N PRO B 158 17.84 11.42 17.54
CA PRO B 158 18.43 11.99 16.31
C PRO B 158 18.36 11.07 15.12
N ASN B 159 18.17 9.77 15.34
CA ASN B 159 18.05 8.84 14.21
C ASN B 159 16.74 8.98 13.45
N ASN B 160 15.81 9.77 13.97
CA ASN B 160 14.64 10.19 13.21
C ASN B 160 15.08 11.15 12.10
N PRO B 161 15.51 12.39 12.39
CA PRO B 161 15.98 13.24 11.28
C PRO B 161 17.17 12.66 10.52
N ASN B 162 18.05 11.89 11.18
CA ASN B 162 19.20 11.31 10.47
C ASN B 162 18.76 10.40 9.34
N ALA B 163 17.68 9.64 9.54
CA ALA B 163 17.19 8.77 8.48
C ALA B 163 16.82 9.58 7.23
N HIS B 164 16.36 10.81 7.43
CA HIS B 164 16.01 11.66 6.31
C HIS B 164 17.21 12.40 5.76
N TYR B 165 18.13 12.81 6.65
CA TYR B 165 19.36 13.48 6.20
C TYR B 165 20.18 12.56 5.30
N PHE B 166 20.34 11.31 5.70
CA PHE B 166 21.18 10.35 4.98
C PHE B 166 20.40 9.56 3.93
N GLY B 167 19.09 9.43 4.08
CA GLY B 167 18.31 8.60 3.19
C GLY B 167 17.40 9.37 2.26
N THR B 168 16.25 9.83 2.80
CA THR B 168 15.26 10.55 2.00
C THR B 168 15.91 11.67 1.20
N ALA B 169 16.72 12.50 1.84
CA ALA B 169 17.31 13.64 1.15
C ALA B 169 18.33 13.22 0.10
N GLN B 170 19.07 12.13 0.34
CA GLN B 170 19.97 11.62 -0.69
C GLN B 170 19.19 11.20 -1.93
N GLU B 171 18.02 10.58 -1.73
CA GLU B 171 17.20 10.18 -2.87
C GLU B 171 16.74 11.40 -3.66
N ILE B 172 16.40 12.49 -2.97
CA ILE B 172 15.97 13.69 -3.64
C ILE B 172 17.11 14.28 -4.46
N ILE B 173 18.31 14.34 -3.87
CA ILE B 173 19.49 14.78 -4.60
C ILE B 173 19.70 13.92 -5.83
N ASP B 174 19.57 12.60 -5.68
CA ASP B 174 19.81 11.69 -6.81
C ASP B 174 18.79 11.92 -7.93
N ASP B 175 17.55 12.25 -7.60
CA ASP B 175 16.53 12.41 -8.63
C ASP B 175 16.56 13.78 -9.30
N PHE B 176 16.94 14.84 -8.57
CA PHE B 176 16.82 16.21 -9.07
C PHE B 176 18.14 16.94 -9.25
N GLY B 177 19.19 16.59 -8.51
CA GLY B 177 20.38 17.42 -8.51
C GLY B 177 20.05 18.85 -8.11
N LYS B 178 20.68 19.79 -8.80
CA LYS B 178 20.45 21.22 -8.55
C LYS B 178 19.15 21.72 -9.15
N ASP B 179 18.45 20.91 -9.92
CA ASP B 179 17.21 21.31 -10.59
C ASP B 179 15.99 21.07 -9.70
N LEU B 180 16.04 21.65 -8.49
CA LEU B 180 14.92 21.56 -7.56
C LEU B 180 14.97 22.79 -6.67
N HIS B 181 13.83 23.44 -6.49
CA HIS B 181 13.80 24.77 -5.92
C HIS B 181 12.94 24.92 -4.68
N MET B 182 12.12 23.92 -4.36
CA MET B 182 11.25 23.99 -3.20
C MET B 182 10.87 22.57 -2.82
N VAL B 183 10.86 22.31 -1.51
CA VAL B 183 10.31 21.08 -0.96
C VAL B 183 9.27 21.49 0.08
N VAL B 184 8.09 20.85 0.01
CA VAL B 184 7.00 21.13 0.94
C VAL B 184 6.71 19.86 1.72
N ALA B 185 6.64 19.96 3.04
CA ALA B 185 6.41 18.80 3.89
C ALA B 185 5.56 19.18 5.09
N GLY B 186 4.58 18.34 5.41
CA GLY B 186 3.88 18.45 6.66
C GLY B 186 4.80 18.18 7.83
N VAL B 187 4.51 18.78 8.96
CA VAL B 187 5.38 18.74 10.12
C VAL B 187 4.65 18.08 11.27
N GLY B 188 5.18 16.95 11.74
CA GLY B 188 4.70 16.31 12.96
C GLY B 188 5.79 16.28 13.99
N THR B 189 6.61 15.23 14.03
CA THR B 189 7.84 15.32 14.83
C THR B 189 8.78 16.36 14.27
N GLY B 190 8.69 16.66 12.98
CA GLY B 190 9.66 17.50 12.31
C GLY B 190 10.87 16.77 11.81
N GLY B 191 10.94 15.44 11.97
CA GLY B 191 12.11 14.72 11.52
C GLY B 191 12.29 14.77 10.01
N THR B 192 11.20 14.60 9.25
CA THR B 192 11.28 14.62 7.80
C THR B 192 11.77 15.99 7.31
N ILE B 193 11.06 17.06 7.70
CA ILE B 193 11.42 18.38 7.19
C ILE B 193 12.79 18.82 7.69
N THR B 194 13.18 18.44 8.91
CA THR B 194 14.46 18.88 9.45
C THR B 194 15.62 18.16 8.79
N GLY B 195 15.54 16.83 8.70
CA GLY B 195 16.60 16.09 8.04
C GLY B 195 16.75 16.45 6.57
N ILE B 196 15.63 16.60 5.87
CA ILE B 196 15.68 17.01 4.46
C ILE B 196 16.24 18.42 4.33
N ALA B 197 15.72 19.36 5.13
CA ALA B 197 16.17 20.75 5.01
C ALA B 197 17.66 20.87 5.28
N LYS B 198 18.16 20.19 6.31
CA LYS B 198 19.57 20.30 6.64
C LYS B 198 20.43 19.78 5.49
N ARG B 199 20.10 18.61 4.96
CA ARG B 199 20.91 18.03 3.90
C ARG B 199 20.79 18.85 2.61
N LEU B 200 19.56 19.20 2.22
CA LEU B 200 19.38 19.86 0.93
C LEU B 200 19.95 21.28 0.93
N LYS B 201 19.90 21.98 2.07
CA LYS B 201 20.47 23.33 2.11
C LYS B 201 21.99 23.30 2.14
N GLU B 202 22.59 22.25 2.67
CA GLU B 202 24.03 22.08 2.49
C GLU B 202 24.38 21.89 1.01
N PHE B 203 23.57 21.09 0.32
CA PHE B 203 23.82 20.80 -1.09
C PHE B 203 23.49 22.01 -1.96
N ASN B 204 22.40 22.70 -1.65
CA ASN B 204 21.93 23.82 -2.47
C ASN B 204 21.29 24.84 -1.55
N PRO B 205 22.05 25.83 -1.09
CA PRO B 205 21.52 26.78 -0.08
C PRO B 205 20.35 27.59 -0.58
N ALA B 206 20.12 27.67 -1.89
CA ALA B 206 19.01 28.46 -2.41
C ALA B 206 17.66 27.73 -2.35
N ILE B 207 17.65 26.44 -2.03
CA ILE B 207 16.38 25.72 -2.03
C ILE B 207 15.48 26.26 -0.92
N LYS B 208 14.19 26.32 -1.19
CA LYS B 208 13.20 26.76 -0.22
C LYS B 208 12.54 25.55 0.45
N ILE B 209 12.39 25.60 1.77
CA ILE B 209 11.80 24.53 2.55
C ILE B 209 10.53 25.08 3.19
N ILE B 210 9.39 24.47 2.90
CA ILE B 210 8.08 24.96 3.31
C ILE B 210 7.44 23.92 4.21
N GLY B 211 7.06 24.32 5.42
CA GLY B 211 6.32 23.45 6.31
C GLY B 211 4.82 23.65 6.21
N ALA B 212 4.07 22.56 6.35
CA ALA B 212 2.63 22.59 6.46
C ALA B 212 2.26 22.19 7.87
N ASP B 213 1.48 23.03 8.56
CA ASP B 213 1.14 22.82 9.96
C ASP B 213 -0.36 23.10 10.13
N PRO B 214 -1.11 22.20 10.77
CA PRO B 214 -2.54 22.45 10.94
C PRO B 214 -2.84 23.61 11.87
N GLU B 215 -3.93 24.31 11.57
CA GLU B 215 -4.51 25.22 12.54
C GLU B 215 -4.86 24.46 13.80
N GLY B 216 -4.43 24.99 14.95
CA GLY B 216 -4.57 24.31 16.22
C GLY B 216 -3.30 23.68 16.73
N SER B 217 -2.25 23.65 15.92
CA SER B 217 -0.90 23.25 16.31
C SER B 217 -0.05 24.50 16.53
N ILE B 218 0.99 24.36 17.34
CA ILE B 218 1.91 25.48 17.57
C ILE B 218 3.18 25.41 16.75
N LEU B 219 3.39 24.32 16.00
CA LEU B 219 4.69 24.10 15.35
C LEU B 219 5.04 25.23 14.40
N GLY B 220 4.05 25.71 13.63
CA GLY B 220 4.31 26.73 12.63
C GLY B 220 3.85 28.10 13.04
N GLY B 221 3.67 28.30 14.33
CA GLY B 221 3.22 29.57 14.88
C GLY B 221 1.88 29.44 15.57
N GLY B 222 1.54 30.48 16.32
CA GLY B 222 0.30 30.54 17.06
C GLY B 222 0.43 29.98 18.46
N THR B 223 -0.59 30.26 19.26
CA THR B 223 -0.65 29.78 20.63
C THR B 223 -1.89 28.95 20.94
N GLU B 224 -2.97 29.10 20.17
CA GLU B 224 -4.20 28.38 20.47
C GLU B 224 -4.07 26.91 20.07
N ILE B 225 -4.42 26.03 21.00
CA ILE B 225 -4.44 24.60 20.77
C ILE B 225 -5.89 24.20 20.48
N LYS B 226 -6.09 23.49 19.37
CA LYS B 226 -7.43 23.09 18.96
C LYS B 226 -7.31 21.75 18.25
N SER B 227 -8.36 20.94 18.40
CA SER B 227 -8.35 19.62 17.80
CA SER B 227 -8.38 19.61 17.80
C SER B 227 -8.72 19.70 16.31
N TYR B 228 -8.31 18.66 15.58
CA TYR B 228 -8.57 18.56 14.15
C TYR B 228 -8.51 17.09 13.77
N HIS B 229 -9.04 16.78 12.60
CA HIS B 229 -9.17 15.39 12.16
C HIS B 229 -7.96 14.87 11.40
N VAL B 230 -7.22 15.74 10.72
CA VAL B 230 -6.02 15.28 10.00
C VAL B 230 -5.06 14.64 10.99
N GLU B 231 -4.48 13.51 10.59
CA GLU B 231 -3.58 12.75 11.45
C GLU B 231 -2.14 12.86 11.00
N GLY B 232 -1.23 12.95 11.96
CA GLY B 232 0.18 12.82 11.72
C GLY B 232 0.95 14.11 11.72
N ILE B 233 0.29 15.26 11.60
CA ILE B 233 0.97 16.55 11.59
C ILE B 233 0.38 17.42 12.68
N GLY B 234 1.21 18.33 13.19
CA GLY B 234 0.86 19.28 14.23
C GLY B 234 0.99 18.72 15.63
N TYR B 235 1.37 19.58 16.57
CA TYR B 235 1.52 19.19 17.96
C TYR B 235 1.33 20.40 18.86
N ASP B 236 1.16 20.10 20.17
CA ASP B 236 1.01 21.12 21.21
C ASP B 236 2.33 21.37 21.96
N PHE B 237 3.44 20.88 21.43
CA PHE B 237 4.77 21.10 21.97
C PHE B 237 5.74 21.05 20.79
N PHE B 238 6.95 21.56 21.00
CA PHE B 238 7.98 21.49 19.97
C PHE B 238 8.82 20.24 20.19
N PRO B 239 8.77 19.24 19.31
CA PRO B 239 9.64 18.08 19.47
C PRO B 239 11.10 18.50 19.39
N ASP B 240 11.95 17.82 20.19
CA ASP B 240 13.37 18.17 20.20
C ASP B 240 14.00 18.00 18.81
N VAL B 241 13.50 17.07 17.99
CA VAL B 241 14.14 16.86 16.68
C VAL B 241 13.79 17.94 15.67
N LEU B 242 12.77 18.75 15.91
CA LEU B 242 12.38 19.78 14.96
C LEU B 242 13.32 20.97 15.05
N ASP B 243 13.86 21.39 13.92
CA ASP B 243 14.66 22.63 13.86
C ASP B 243 13.93 23.63 12.97
N ASN B 244 13.10 24.48 13.59
CA ASN B 244 12.35 25.48 12.84
C ASN B 244 13.24 26.53 12.20
N THR B 245 14.52 26.64 12.60
CA THR B 245 15.38 27.63 11.97
C THR B 245 15.74 27.25 10.54
N LEU B 246 15.48 26.01 10.13
CA LEU B 246 15.79 25.54 8.78
C LEU B 246 14.62 25.71 7.81
N ILE B 247 13.46 26.13 8.30
CA ILE B 247 12.25 26.21 7.50
C ILE B 247 12.06 27.65 7.02
N ASP B 248 11.86 27.82 5.72
CA ASP B 248 11.75 29.16 5.15
C ASP B 248 10.38 29.78 5.37
N ALA B 249 9.32 28.97 5.42
CA ALA B 249 7.97 29.48 5.60
C ALA B 249 7.10 28.34 6.07
N TYR B 250 6.07 28.67 6.83
CA TYR B 250 5.00 27.75 7.17
C TYR B 250 3.71 28.19 6.51
N ILE B 251 2.92 27.20 6.09
CA ILE B 251 1.54 27.40 5.65
C ILE B 251 0.64 26.68 6.64
N LYS B 252 -0.31 27.40 7.21
CA LYS B 252 -1.30 26.82 8.11
C LYS B 252 -2.41 26.15 7.29
N THR B 253 -2.67 24.89 7.60
CA THR B 253 -3.63 24.07 6.88
C THR B 253 -4.85 23.79 7.74
N ASN B 254 -5.92 23.31 7.09
CA ASN B 254 -7.16 23.04 7.77
C ASN B 254 -7.73 21.73 7.25
N ASP B 255 -8.66 21.14 8.02
CA ASP B 255 -9.19 19.81 7.67
C ASP B 255 -9.89 19.83 6.31
N ALA B 256 -10.76 20.80 6.09
CA ALA B 256 -11.58 20.79 4.88
C ALA B 256 -10.71 20.83 3.64
N ASP B 257 -9.75 21.75 3.58
CA ASP B 257 -8.90 21.84 2.41
C ASP B 257 -7.98 20.64 2.30
N SER B 258 -7.54 20.08 3.44
CA SER B 258 -6.68 18.90 3.41
C SER B 258 -7.41 17.71 2.82
N PHE B 259 -8.61 17.42 3.31
CA PHE B 259 -9.35 16.27 2.80
C PHE B 259 -9.81 16.49 1.37
N ARG B 260 -10.23 17.72 1.02
CA ARG B 260 -10.61 18.00 -0.35
C ARG B 260 -9.43 17.80 -1.29
N THR B 261 -8.25 18.28 -0.91
CA THR B 261 -7.09 18.15 -1.78
C THR B 261 -6.62 16.70 -1.84
N ALA B 262 -6.72 15.97 -0.72
CA ALA B 262 -6.40 14.55 -0.75
C ALA B 262 -7.31 13.81 -1.73
N ARG B 263 -8.62 14.11 -1.69
CA ARG B 263 -9.54 13.48 -2.63
C ARG B 263 -9.19 13.85 -4.07
N ARG B 264 -8.73 15.08 -4.31
CA ARG B 264 -8.29 15.45 -5.65
C ARG B 264 -7.06 14.65 -6.07
N LEU B 265 -6.11 14.45 -5.15
CA LEU B 265 -4.93 13.66 -5.48
C LEU B 265 -5.32 12.25 -5.92
N ILE B 266 -6.28 11.63 -5.22
CA ILE B 266 -6.70 10.29 -5.58
C ILE B 266 -7.38 10.29 -6.94
N LYS B 267 -8.35 11.18 -7.12
CA LYS B 267 -9.23 11.14 -8.29
C LYS B 267 -8.55 11.68 -9.55
N GLU B 268 -7.72 12.71 -9.41
CA GLU B 268 -7.12 13.37 -10.57
C GLU B 268 -5.69 12.91 -10.87
N GLU B 269 -4.99 12.33 -9.89
CA GLU B 269 -3.65 11.83 -10.13
C GLU B 269 -3.51 10.33 -9.91
N GLY B 270 -4.54 9.66 -9.39
CA GLY B 270 -4.42 8.24 -9.08
C GLY B 270 -3.47 7.93 -7.96
N LEU B 271 -3.26 8.87 -7.04
CA LEU B 271 -2.35 8.67 -5.91
C LEU B 271 -3.17 8.26 -4.69
N LEU B 272 -2.99 7.02 -4.23
CA LEU B 272 -3.81 6.48 -3.15
C LEU B 272 -3.20 6.88 -1.81
N ILE B 273 -3.42 8.15 -1.44
CA ILE B 273 -2.71 8.78 -0.34
C ILE B 273 -3.61 9.07 0.86
N GLY B 274 -3.02 9.64 1.92
CA GLY B 274 -3.71 9.95 3.14
C GLY B 274 -4.00 11.43 3.34
N GLY B 275 -4.56 11.72 4.52
CA GLY B 275 -5.05 13.06 4.80
C GLY B 275 -3.96 14.12 4.84
N SER B 276 -2.83 13.82 5.50
CA SER B 276 -1.76 14.79 5.57
C SER B 276 -1.10 15.02 4.21
N CYS B 277 -1.25 14.09 3.27
CA CYS B 277 -0.81 14.33 1.90
C CYS B 277 -1.60 15.46 1.28
N GLY B 278 -2.92 15.49 1.53
CA GLY B 278 -3.72 16.61 1.07
C GLY B 278 -3.30 17.92 1.70
N ALA B 279 -2.95 17.89 2.99
CA ALA B 279 -2.50 19.10 3.65
C ALA B 279 -1.21 19.63 3.02
N ALA B 280 -0.23 18.75 2.82
CA ALA B 280 1.03 19.17 2.24
C ALA B 280 0.86 19.66 0.80
N MET B 281 0.03 18.96 0.03
CA MET B 281 -0.19 19.37 -1.35
C MET B 281 -0.93 20.69 -1.42
N TRP B 282 -1.96 20.88 -0.58
CA TRP B 282 -2.67 22.15 -0.55
C TRP B 282 -1.71 23.28 -0.20
N ALA B 283 -0.83 23.07 0.77
CA ALA B 283 0.17 24.07 1.11
C ALA B 283 1.09 24.36 -0.08
N ALA B 284 1.51 23.31 -0.79
CA ALA B 284 2.40 23.49 -1.94
C ALA B 284 1.73 24.29 -3.04
N LEU B 285 0.43 24.08 -3.25
CA LEU B 285 -0.27 24.82 -4.29
C LEU B 285 -0.34 26.32 -4.00
N GLN B 286 -0.16 26.71 -2.73
CA GLN B 286 0.00 28.11 -2.37
C GLN B 286 1.46 28.54 -2.49
N ALA B 287 2.35 27.83 -1.81
CA ALA B 287 3.73 28.29 -1.71
C ALA B 287 4.47 28.27 -3.05
N ALA B 288 4.16 27.31 -3.93
CA ALA B 288 4.88 27.20 -5.19
C ALA B 288 4.56 28.32 -6.17
N LYS B 289 3.60 29.19 -5.85
CA LYS B 289 3.33 30.32 -6.73
C LYS B 289 4.51 31.29 -6.81
N SER B 290 5.45 31.21 -5.88
CA SER B 290 6.65 32.05 -5.94
C SER B 290 7.65 31.56 -6.98
N LEU B 291 7.49 30.34 -7.47
CA LEU B 291 8.42 29.79 -8.42
C LEU B 291 8.04 30.18 -9.85
N SER B 292 9.04 30.22 -10.72
CA SER B 292 8.85 30.62 -12.10
C SER B 292 8.91 29.41 -13.03
N LYS B 293 8.60 29.65 -14.29
CA LYS B 293 8.77 28.63 -15.33
C LYS B 293 10.20 28.12 -15.28
N GLY B 294 10.34 26.80 -15.41
CA GLY B 294 11.65 26.18 -15.34
C GLY B 294 12.11 25.83 -13.95
N GLN B 295 11.35 26.19 -12.93
CA GLN B 295 11.62 25.76 -11.56
C GLN B 295 10.74 24.57 -11.20
N LYS B 296 11.10 23.92 -10.08
CA LYS B 296 10.46 22.67 -9.68
C LYS B 296 10.20 22.65 -8.18
N CYS B 297 9.04 22.15 -7.80
CA CYS B 297 8.63 21.99 -6.42
C CYS B 297 8.32 20.52 -6.16
N LEU B 298 8.80 20.00 -5.02
CA LEU B 298 8.58 18.60 -4.61
C LEU B 298 7.76 18.59 -3.32
N VAL B 299 6.74 17.75 -3.27
CA VAL B 299 5.89 17.59 -2.09
C VAL B 299 6.10 16.19 -1.54
N ILE B 300 6.34 16.09 -0.22
CA ILE B 300 6.44 14.79 0.43
C ILE B 300 5.02 14.29 0.71
N LEU B 301 4.72 13.07 0.25
CA LEU B 301 3.42 12.47 0.52
C LEU B 301 3.62 11.34 1.52
N PRO B 302 3.25 11.51 2.79
CA PRO B 302 3.74 10.58 3.84
C PRO B 302 3.13 9.18 3.87
N ASP B 303 1.84 8.98 3.56
CA ASP B 303 1.29 7.64 3.82
C ASP B 303 0.16 7.31 2.86
N SER B 304 -0.46 6.16 3.10
CA SER B 304 -1.39 5.49 2.19
CA SER B 304 -1.39 5.54 2.15
C SER B 304 -2.84 5.73 2.59
N ILE B 305 -3.72 5.68 1.59
CA ILE B 305 -5.15 5.74 1.83
C ILE B 305 -5.62 4.64 2.78
N ARG B 306 -4.86 3.54 2.88
CA ARG B 306 -5.26 2.41 3.71
C ARG B 306 -5.57 2.87 5.13
N ASN B 307 -4.82 3.84 5.64
CA ASN B 307 -5.01 4.27 7.02
C ASN B 307 -6.28 5.06 7.24
N TYR B 308 -7.03 5.43 6.19
CA TYR B 308 -8.16 6.34 6.34
C TYR B 308 -9.39 5.85 5.58
N MET B 309 -9.48 4.55 5.32
CA MET B 309 -10.59 4.01 4.55
CA MET B 309 -10.59 4.03 4.54
C MET B 309 -11.93 4.31 5.22
N SER B 310 -11.97 4.27 6.54
CA SER B 310 -13.19 4.54 7.29
C SER B 310 -13.35 6.02 7.61
N LYS B 311 -12.41 6.86 7.20
CA LYS B 311 -12.45 8.27 7.56
C LYS B 311 -12.61 9.13 6.32
N PHE B 312 -11.63 9.98 5.95
CA PHE B 312 -11.88 10.92 4.86
C PHE B 312 -12.17 10.22 3.54
N ALA B 313 -11.69 8.99 3.35
CA ALA B 313 -11.98 8.25 2.13
C ALA B 313 -13.39 7.68 2.09
N ASN B 314 -14.16 7.87 3.17
CA ASN B 314 -15.50 7.32 3.31
C ASN B 314 -16.51 8.47 3.31
N ASP B 315 -17.49 8.40 2.41
CA ASP B 315 -18.46 9.48 2.29
C ASP B 315 -19.31 9.65 3.56
N GLU B 316 -19.65 8.56 4.22
CA GLU B 316 -20.46 8.67 5.43
C GLU B 316 -19.72 9.39 6.54
N TRP B 317 -18.43 9.10 6.71
CA TRP B 317 -17.62 9.81 7.70
C TRP B 317 -17.52 11.28 7.35
N MET B 318 -17.30 11.59 6.07
CA MET B 318 -17.20 12.98 5.64
C MET B 318 -18.49 13.73 5.94
N LYS B 319 -19.64 13.09 5.75
CA LYS B 319 -20.90 13.74 6.07
C LYS B 319 -21.09 13.90 7.58
N GLU B 320 -20.71 12.87 8.35
CA GLU B 320 -20.82 12.97 9.81
C GLU B 320 -20.00 14.13 10.36
N MET B 321 -18.81 14.36 9.81
CA MET B 321 -17.91 15.40 10.30
C MET B 321 -18.14 16.75 9.65
N GLY B 322 -19.11 16.86 8.76
CA GLY B 322 -19.48 18.15 8.20
C GLY B 322 -18.71 18.59 6.99
N PHE B 323 -18.02 17.68 6.30
CA PHE B 323 -17.24 18.04 5.13
C PHE B 323 -17.94 17.72 3.81
N LEU B 324 -19.08 17.02 3.86
CA LEU B 324 -19.83 16.70 2.65
C LEU B 324 -21.29 16.65 3.04
#